data_329D
# 
_entry.id   329D 
# 
_audit_conform.dict_name       mmcif_pdbx.dic 
_audit_conform.dict_version    5.389 
_audit_conform.dict_location   http://mmcif.pdb.org/dictionaries/ascii/mmcif_pdbx.dic 
# 
loop_
_database_2.database_id 
_database_2.database_code 
_database_2.pdbx_database_accession 
_database_2.pdbx_DOI 
PDB   329D         pdb_0000329d 10.2210/pdb329d/pdb 
RCSB  BDLB83       ?            ?                   
WWPDB D_1000178798 ?            ?                   
# 
loop_
_pdbx_audit_revision_history.ordinal 
_pdbx_audit_revision_history.data_content_type 
_pdbx_audit_revision_history.major_revision 
_pdbx_audit_revision_history.minor_revision 
_pdbx_audit_revision_history.revision_date 
1 'Structure model' 1 0 1997-04-30 
2 'Structure model' 1 1 2008-05-22 
3 'Structure model' 1 2 2011-07-13 
4 'Structure model' 1 3 2024-02-21 
5 'Structure model' 1 4 2024-04-03 
# 
_pdbx_audit_revision_details.ordinal             1 
_pdbx_audit_revision_details.revision_ordinal    1 
_pdbx_audit_revision_details.data_content_type   'Structure model' 
_pdbx_audit_revision_details.provider            repository 
_pdbx_audit_revision_details.type                'Initial release' 
_pdbx_audit_revision_details.description         ? 
_pdbx_audit_revision_details.details             ? 
# 
loop_
_pdbx_audit_revision_group.ordinal 
_pdbx_audit_revision_group.revision_ordinal 
_pdbx_audit_revision_group.data_content_type 
_pdbx_audit_revision_group.group 
1 2 'Structure model' 'Version format compliance' 
2 3 'Structure model' 'Version format compliance' 
3 4 'Structure model' 'Data collection'           
4 4 'Structure model' 'Database references'       
5 4 'Structure model' 'Derived calculations'      
6 5 'Structure model' 'Refinement description'    
# 
loop_
_pdbx_audit_revision_category.ordinal 
_pdbx_audit_revision_category.revision_ordinal 
_pdbx_audit_revision_category.data_content_type 
_pdbx_audit_revision_category.category 
1 4 'Structure model' chem_comp_atom                
2 4 'Structure model' chem_comp_bond                
3 4 'Structure model' database_2                    
4 4 'Structure model' struct_conn                   
5 5 'Structure model' pdbx_initial_refinement_model 
# 
loop_
_pdbx_audit_revision_item.ordinal 
_pdbx_audit_revision_item.revision_ordinal 
_pdbx_audit_revision_item.data_content_type 
_pdbx_audit_revision_item.item 
1 4 'Structure model' '_database_2.pdbx_DOI'                
2 4 'Structure model' '_database_2.pdbx_database_accession' 
3 4 'Structure model' '_struct_conn.pdbx_leaving_atom_flag' 
# 
_pdbx_database_status.status_code                     REL 
_pdbx_database_status.entry_id                        329D 
_pdbx_database_status.recvd_initial_deposition_date   1997-04-29 
_pdbx_database_status.deposit_site                    NDB 
_pdbx_database_status.process_site                    NDB 
_pdbx_database_status.SG_entry                        . 
_pdbx_database_status.pdb_format_compatible           Y 
_pdbx_database_status.status_code_mr                  ? 
_pdbx_database_status.status_code_sf                  ? 
_pdbx_database_status.status_code_cs                  ? 
_pdbx_database_status.status_code_nmr_data            ? 
_pdbx_database_status.methods_development_category    ? 
# 
loop_
_audit_author.name 
_audit_author.pdbx_ordinal 
'Mayer-Jung, C.' 1 
'Moras, D.'      2 
'Timsit, Y.'     3 
# 
loop_
_citation.id 
_citation.title 
_citation.journal_abbrev 
_citation.journal_volume 
_citation.page_first 
_citation.page_last 
_citation.year 
_citation.journal_id_ASTM 
_citation.country 
_citation.journal_id_ISSN 
_citation.journal_id_CSD 
_citation.book_publisher 
_citation.pdbx_database_id_PubMed 
_citation.pdbx_database_id_DOI 
primary 'Effect of cytosine methylation on DNA-DNA recognition at CpG steps.'                J.Mol.Biol. 270 328 335 1997 JMOBAK 
UK 0022-2836 0070 ? 9237900 10.1006/jmbi.1997.1137 
1       'Self-Fitting and Self-Modifying Properties of the B-DNA Molecule'                   J.Mol.Biol. 251 629 647 1995 JMOBAK 
UK 0022-2836 0070 ? ?       ?                      
2       'Base-Pairing Shift in the Major Groove of (CA)n Tracts by B-DNA Crystal Structures' Nature      354 167 170 1991 NATUAS 
UK 0028-0836 0006 ? ?       ?                      
# 
loop_
_citation_author.citation_id 
_citation_author.name 
_citation_author.ordinal 
_citation_author.identifier_ORCID 
primary 'Mayer-Jung, C.' 1 ? 
primary 'Moras, D.'      2 ? 
primary 'Timsit, Y.'     3 ? 
1       'Timsit, Y.'     4 ? 
1       'Moras, D.'      5 ? 
2       'Timsit, Y.'     6 ? 
2       'Vilbois, E.'    7 ? 
2       'Moras, D.'      8 ? 
# 
loop_
_entity.id 
_entity.type 
_entity.src_method 
_entity.pdbx_description 
_entity.formula_weight 
_entity.pdbx_number_of_molecules 
_entity.pdbx_ec 
_entity.pdbx_mutation 
_entity.pdbx_fragment 
_entity.details 
1 polymer man 
;DNA (5'-D(*AP*CP*CP*GP*CP*(5CM)P*GP*GP*CP*GP*CP*C)-3')
;
3623.372 1  ? ? ? ? 
2 polymer man 
;DNA (5'-D(*GP*GP*CP*GP*CP*(5CM)P*GP*GP*CP*GP*GP*T)-3')
;
3734.430 1  ? ? ? ? 
3 water   nat water                                                    18.015   41 ? ? ? ? 
# 
loop_
_entity_poly.entity_id 
_entity_poly.type 
_entity_poly.nstd_linkage 
_entity_poly.nstd_monomer 
_entity_poly.pdbx_seq_one_letter_code 
_entity_poly.pdbx_seq_one_letter_code_can 
_entity_poly.pdbx_strand_id 
_entity_poly.pdbx_target_identifier 
1 polydeoxyribonucleotide no yes '(DA)(DC)(DC)(DG)(DC)(5CM)(DG)(DG)(DC)(DG)(DC)(DC)' ACCGCCGGCGCC A ? 
2 polydeoxyribonucleotide no yes '(DG)(DG)(DC)(DG)(DC)(5CM)(DG)(DG)(DC)(DG)(DG)(DT)' GGCGCCGGCGGT B ? 
# 
_pdbx_entity_nonpoly.entity_id   3 
_pdbx_entity_nonpoly.name        water 
_pdbx_entity_nonpoly.comp_id     HOH 
# 
loop_
_entity_poly_seq.entity_id 
_entity_poly_seq.num 
_entity_poly_seq.mon_id 
_entity_poly_seq.hetero 
1 1  DA  n 
1 2  DC  n 
1 3  DC  n 
1 4  DG  n 
1 5  DC  n 
1 6  5CM n 
1 7  DG  n 
1 8  DG  n 
1 9  DC  n 
1 10 DG  n 
1 11 DC  n 
1 12 DC  n 
2 1  DG  n 
2 2  DG  n 
2 3  DC  n 
2 4  DG  n 
2 5  DC  n 
2 6  5CM n 
2 7  DG  n 
2 8  DG  n 
2 9  DC  n 
2 10 DG  n 
2 11 DG  n 
2 12 DT  n 
# 
loop_
_chem_comp.id 
_chem_comp.type 
_chem_comp.mon_nstd_flag 
_chem_comp.name 
_chem_comp.pdbx_synonyms 
_chem_comp.formula 
_chem_comp.formula_weight 
5CM 'DNA linking' n "5-METHYL-2'-DEOXY-CYTIDINE-5'-MONOPHOSPHATE" ? 'C10 H16 N3 O7 P' 321.224 
DA  'DNA linking' y "2'-DEOXYADENOSINE-5'-MONOPHOSPHATE"          ? 'C10 H14 N5 O6 P' 331.222 
DC  'DNA linking' y "2'-DEOXYCYTIDINE-5'-MONOPHOSPHATE"           ? 'C9 H14 N3 O7 P'  307.197 
DG  'DNA linking' y "2'-DEOXYGUANOSINE-5'-MONOPHOSPHATE"          ? 'C10 H14 N5 O7 P' 347.221 
DT  'DNA linking' y "THYMIDINE-5'-MONOPHOSPHATE"                  ? 'C10 H15 N2 O8 P' 322.208 
HOH non-polymer   . WATER                                         ? 'H2 O'            18.015  
# 
loop_
_pdbx_poly_seq_scheme.asym_id 
_pdbx_poly_seq_scheme.entity_id 
_pdbx_poly_seq_scheme.seq_id 
_pdbx_poly_seq_scheme.mon_id 
_pdbx_poly_seq_scheme.ndb_seq_num 
_pdbx_poly_seq_scheme.pdb_seq_num 
_pdbx_poly_seq_scheme.auth_seq_num 
_pdbx_poly_seq_scheme.pdb_mon_id 
_pdbx_poly_seq_scheme.auth_mon_id 
_pdbx_poly_seq_scheme.pdb_strand_id 
_pdbx_poly_seq_scheme.pdb_ins_code 
_pdbx_poly_seq_scheme.hetero 
A 1 1  DA  1  1  1  DA  A  A . n 
A 1 2  DC  2  2  2  DC  C  A . n 
A 1 3  DC  3  3  3  DC  C  A . n 
A 1 4  DG  4  4  4  DG  G  A . n 
A 1 5  DC  5  5  5  DC  C  A . n 
A 1 6  5CM 6  6  6  5CM +C A . n 
A 1 7  DG  7  7  7  DG  G  A . n 
A 1 8  DG  8  8  8  DG  G  A . n 
A 1 9  DC  9  9  9  DC  C  A . n 
A 1 10 DG  10 10 10 DG  G  A . n 
A 1 11 DC  11 11 11 DC  C  A . n 
A 1 12 DC  12 12 12 DC  C  A . n 
B 2 1  DG  1  13 13 DG  G  B . n 
B 2 2  DG  2  14 14 DG  G  B . n 
B 2 3  DC  3  15 15 DC  C  B . n 
B 2 4  DG  4  16 16 DG  G  B . n 
B 2 5  DC  5  17 17 DC  C  B . n 
B 2 6  5CM 6  18 18 5CM +C B . n 
B 2 7  DG  7  19 19 DG  G  B . n 
B 2 8  DG  8  20 20 DG  G  B . n 
B 2 9  DC  9  21 21 DC  C  B . n 
B 2 10 DG  10 22 22 DG  G  B . n 
B 2 11 DG  11 23 23 DG  G  B . n 
B 2 12 DT  12 24 24 DT  T  B . n 
# 
loop_
_pdbx_nonpoly_scheme.asym_id 
_pdbx_nonpoly_scheme.entity_id 
_pdbx_nonpoly_scheme.mon_id 
_pdbx_nonpoly_scheme.ndb_seq_num 
_pdbx_nonpoly_scheme.pdb_seq_num 
_pdbx_nonpoly_scheme.auth_seq_num 
_pdbx_nonpoly_scheme.pdb_mon_id 
_pdbx_nonpoly_scheme.auth_mon_id 
_pdbx_nonpoly_scheme.pdb_strand_id 
_pdbx_nonpoly_scheme.pdb_ins_code 
C 3 HOH 1  25 25 HOH HOH A . 
C 3 HOH 2  27 27 HOH HOH A . 
C 3 HOH 3  28 28 HOH HOH A . 
C 3 HOH 4  30 30 HOH HOH A . 
C 3 HOH 5  32 32 HOH HOH A . 
C 3 HOH 6  33 33 HOH HOH A . 
C 3 HOH 7  34 34 HOH HOH A . 
C 3 HOH 8  35 35 HOH HOH A . 
C 3 HOH 9  37 37 HOH HOH A . 
C 3 HOH 10 38 38 HOH HOH A . 
C 3 HOH 11 41 41 HOH HOH A . 
C 3 HOH 12 45 45 HOH HOH A . 
C 3 HOH 13 46 46 HOH HOH A . 
C 3 HOH 14 47 47 HOH HOH A . 
C 3 HOH 15 48 48 HOH HOH A . 
C 3 HOH 16 49 49 HOH HOH A . 
C 3 HOH 17 50 50 HOH HOH A . 
C 3 HOH 18 52 52 HOH HOH A . 
C 3 HOH 19 53 53 HOH HOH A . 
C 3 HOH 20 54 54 HOH HOH A . 
C 3 HOH 21 59 59 HOH HOH A . 
C 3 HOH 22 60 60 HOH HOH A . 
C 3 HOH 23 63 63 HOH HOH A . 
D 3 HOH 1  26 26 HOH HOH B . 
D 3 HOH 2  29 29 HOH HOH B . 
D 3 HOH 3  31 31 HOH HOH B . 
D 3 HOH 4  36 36 HOH HOH B . 
D 3 HOH 5  39 39 HOH HOH B . 
D 3 HOH 6  40 40 HOH HOH B . 
D 3 HOH 7  42 42 HOH HOH B . 
D 3 HOH 8  43 43 HOH HOH B . 
D 3 HOH 9  44 44 HOH HOH B . 
D 3 HOH 10 51 51 HOH HOH B . 
D 3 HOH 11 55 55 HOH HOH B . 
D 3 HOH 12 56 56 HOH HOH B . 
D 3 HOH 13 57 57 HOH HOH B . 
D 3 HOH 14 58 58 HOH HOH B . 
D 3 HOH 15 61 61 HOH HOH B . 
D 3 HOH 16 62 62 HOH HOH B . 
D 3 HOH 17 64 64 HOH HOH B . 
D 3 HOH 18 65 65 HOH HOH B . 
# 
loop_
_software.name 
_software.classification 
_software.version 
_software.citation_id 
_software.pdbx_ordinal 
X-PLOR 'model building' . ? 1 
X-PLOR refinement       . ? 2 
XENGEN 'data reduction' . ? 3 
XENGEN 'data scaling'   . ? 4 
X-PLOR phasing          . ? 5 
# 
_cell.entry_id           329D 
_cell.length_a           65.530 
_cell.length_b           65.530 
_cell.length_c           46.350 
_cell.angle_alpha        90.00 
_cell.angle_beta         90.00 
_cell.angle_gamma        120.00 
_cell.Z_PDB              9 
_cell.pdbx_unique_axis   ? 
# 
_symmetry.entry_id                         329D 
_symmetry.space_group_name_H-M             'H 3' 
_symmetry.pdbx_full_space_group_name_H-M   ? 
_symmetry.cell_setting                     ? 
_symmetry.Int_Tables_number                146 
# 
_exptl.entry_id          329D 
_exptl.method            'X-RAY DIFFRACTION' 
_exptl.crystals_number   ? 
# 
_exptl_crystal.id                    1 
_exptl_crystal.density_meas          ? 
_exptl_crystal.density_Matthews      2.60 
_exptl_crystal.density_percent_sol   52.75 
_exptl_crystal.description           ? 
# 
_exptl_crystal_grow.crystal_id      1 
_exptl_crystal_grow.method          'VAPOR DIFFUSION' 
_exptl_crystal_grow.temp            ? 
_exptl_crystal_grow.temp_details    ? 
_exptl_crystal_grow.pH              6.00 
_exptl_crystal_grow.pdbx_details    'pH 6.00, VAPOR DIFFUSION' 
_exptl_crystal_grow.pdbx_pH_range   ? 
# 
loop_
_exptl_crystal_grow_comp.crystal_id 
_exptl_crystal_grow_comp.id 
_exptl_crystal_grow_comp.sol_id 
_exptl_crystal_grow_comp.name 
_exptl_crystal_grow_comp.volume 
_exptl_crystal_grow_comp.conc 
_exptl_crystal_grow_comp.details 
1 1 1 WATER        ? ? ? 
1 2 1 MPD          ? ? ? 
1 3 1 CACODYLATE   ? ? ? 
1 4 1 SPERMINE     ? ? ? 
1 5 1 'MG ACETATE' ? ? ? 
1 6 2 WATER        ? ? ? 
1 7 2 MPD          ? ? ? 
# 
_diffrn.id                     1 
_diffrn.ambient_temp           273.00 
_diffrn.ambient_temp_details   ? 
_diffrn.crystal_id             1 
# 
_diffrn_detector.diffrn_id              1 
_diffrn_detector.detector               'AREA DETECTOR' 
_diffrn_detector.type                   SIEMENS 
_diffrn_detector.pdbx_collection_date   1993-03-01 
_diffrn_detector.details                ? 
# 
_diffrn_radiation.diffrn_id                        1 
_diffrn_radiation.wavelength_id                    1 
_diffrn_radiation.pdbx_monochromatic_or_laue_m_l   M 
_diffrn_radiation.monochromator                    ? 
_diffrn_radiation.pdbx_diffrn_protocol             ? 
_diffrn_radiation.pdbx_scattering_type             x-ray 
# 
_diffrn_radiation_wavelength.id           1 
_diffrn_radiation_wavelength.wavelength   . 
_diffrn_radiation_wavelength.wt           1.0 
# 
_diffrn_source.diffrn_id                   1 
_diffrn_source.source                      ? 
_diffrn_source.type                        ? 
_diffrn_source.pdbx_synchrotron_site       ? 
_diffrn_source.pdbx_synchrotron_beamline   ? 
_diffrn_source.pdbx_wavelength             ? 
_diffrn_source.pdbx_wavelength_list        ? 
# 
_reflns.entry_id                     329D 
_reflns.observed_criterion_sigma_I   1.000 
_reflns.observed_criterion_sigma_F   ? 
_reflns.d_resolution_low             19.500 
_reflns.d_resolution_high            2.700 
_reflns.number_obs                   1789 
_reflns.number_all                   ? 
_reflns.percent_possible_obs         95.000 
_reflns.pdbx_Rmerge_I_obs            0.054 
_reflns.pdbx_Rsym_value              ? 
_reflns.pdbx_netI_over_sigmaI        ? 
_reflns.B_iso_Wilson_estimate        ? 
_reflns.pdbx_redundancy              8.200 
_reflns.pdbx_diffrn_id               1 
_reflns.pdbx_ordinal                 1 
# 
_refine.entry_id                                 329D 
_refine.ls_number_reflns_obs                     1626 
_refine.ls_number_reflns_all                     ? 
_refine.pdbx_ls_sigma_I                          ? 
_refine.pdbx_ls_sigma_F                          2.000 
_refine.pdbx_data_cutoff_high_absF               1000.000 
_refine.pdbx_data_cutoff_low_absF                0.0010 
_refine.pdbx_data_cutoff_high_rms_absF           ? 
_refine.ls_d_res_low                             8.000 
_refine.ls_d_res_high                            2.700 
_refine.ls_percent_reflns_obs                    ? 
_refine.ls_R_factor_obs                          0.191 
_refine.ls_R_factor_all                          ? 
_refine.ls_R_factor_R_work                       0.191 
_refine.ls_R_factor_R_free                       ? 
_refine.ls_R_factor_R_free_error                 ? 
_refine.ls_R_factor_R_free_error_details         ? 
_refine.ls_percent_reflns_R_free                 ? 
_refine.ls_number_reflns_R_free                  ? 
_refine.ls_number_parameters                     ? 
_refine.ls_number_restraints                     ? 
_refine.occupancy_min                            ? 
_refine.occupancy_max                            ? 
_refine.B_iso_mean                               36.00 
_refine.aniso_B[1][1]                            ? 
_refine.aniso_B[2][2]                            ? 
_refine.aniso_B[3][3]                            ? 
_refine.aniso_B[1][2]                            ? 
_refine.aniso_B[1][3]                            ? 
_refine.aniso_B[2][3]                            ? 
_refine.solvent_model_details                    ? 
_refine.solvent_model_param_ksol                 ? 
_refine.solvent_model_param_bsol                 ? 
_refine.pdbx_ls_cross_valid_method               ? 
_refine.details                                  ? 
_refine.pdbx_starting_model                      BDL035 
_refine.pdbx_method_to_determine_struct          'MOLECULAR REPLACEMENT' 
_refine.pdbx_isotropic_thermal_model             ? 
_refine.pdbx_stereochemistry_target_values       ? 
_refine.pdbx_stereochem_target_val_spec_case     ? 
_refine.pdbx_R_Free_selection_details            ? 
_refine.pdbx_overall_ESU_R                       ? 
_refine.pdbx_overall_ESU_R_Free                  ? 
_refine.overall_SU_ML                            ? 
_refine.overall_SU_B                             ? 
_refine.pdbx_refine_id                           'X-RAY DIFFRACTION' 
_refine.pdbx_diffrn_id                           1 
_refine.pdbx_TLS_residual_ADP_flag               ? 
_refine.correlation_coeff_Fo_to_Fc               ? 
_refine.correlation_coeff_Fo_to_Fc_free          ? 
_refine.pdbx_solvent_vdw_probe_radii             ? 
_refine.pdbx_solvent_ion_probe_radii             ? 
_refine.pdbx_solvent_shrinkage_radii             ? 
_refine.pdbx_overall_phase_error                 ? 
_refine.overall_SU_R_Cruickshank_DPI             ? 
_refine.pdbx_overall_SU_R_free_Cruickshank_DPI   ? 
_refine.pdbx_overall_SU_R_Blow_DPI               ? 
_refine.pdbx_overall_SU_R_free_Blow_DPI          ? 
# 
_refine_hist.pdbx_refine_id                   'X-RAY DIFFRACTION' 
_refine_hist.cycle_id                         LAST 
_refine_hist.pdbx_number_atoms_protein        0 
_refine_hist.pdbx_number_atoms_nucleic_acid   486 
_refine_hist.pdbx_number_atoms_ligand         2 
_refine_hist.number_atoms_solvent             41 
_refine_hist.number_atoms_total               529 
_refine_hist.d_res_high                       2.700 
_refine_hist.d_res_low                        8.000 
# 
loop_
_refine_ls_restr.type 
_refine_ls_restr.dev_ideal 
_refine_ls_restr.dev_ideal_target 
_refine_ls_restr.weight 
_refine_ls_restr.number 
_refine_ls_restr.pdbx_refine_id 
_refine_ls_restr.pdbx_restraint_function 
x_bond_d                0.007 ? ? ? 'X-RAY DIFFRACTION' ? 
x_bond_d_na             ?     ? ? ? 'X-RAY DIFFRACTION' ? 
x_bond_d_prot           ?     ? ? ? 'X-RAY DIFFRACTION' ? 
x_angle_d               ?     ? ? ? 'X-RAY DIFFRACTION' ? 
x_angle_d_na            ?     ? ? ? 'X-RAY DIFFRACTION' ? 
x_angle_d_prot          ?     ? ? ? 'X-RAY DIFFRACTION' ? 
x_angle_deg             1.43  ? ? ? 'X-RAY DIFFRACTION' ? 
x_angle_deg_na          ?     ? ? ? 'X-RAY DIFFRACTION' ? 
x_angle_deg_prot        ?     ? ? ? 'X-RAY DIFFRACTION' ? 
x_dihedral_angle_d      29.4  ? ? ? 'X-RAY DIFFRACTION' ? 
x_dihedral_angle_d_na   ?     ? ? ? 'X-RAY DIFFRACTION' ? 
x_dihedral_angle_d_prot ?     ? ? ? 'X-RAY DIFFRACTION' ? 
x_improper_angle_d      1.96  ? ? ? 'X-RAY DIFFRACTION' ? 
x_improper_angle_d_na   ?     ? ? ? 'X-RAY DIFFRACTION' ? 
x_improper_angle_d_prot ?     ? ? ? 'X-RAY DIFFRACTION' ? 
x_mcbond_it             ?     ? ? ? 'X-RAY DIFFRACTION' ? 
x_mcangle_it            ?     ? ? ? 'X-RAY DIFFRACTION' ? 
x_scbond_it             ?     ? ? ? 'X-RAY DIFFRACTION' ? 
x_scangle_it            ?     ? ? ? 'X-RAY DIFFRACTION' ? 
# 
loop_
_pdbx_xplor_file.serial_no 
_pdbx_xplor_file.param_file 
_pdbx_xplor_file.topol_file 
_pdbx_xplor_file.pdbx_refine_id 
1 DNA.PARAM   DNA.TOP    'X-RAY DIFFRACTION' 
2 PARAM19.SOL TOPH19.SOL 'X-RAY DIFFRACTION' 
# 
_struct.entry_id                  329D 
_struct.title                     'EFFECT OF CYTOSINE METHYLATION ON DNA-DNA RECOGNITION AT CPG STEPS' 
_struct.pdbx_model_details        ? 
_struct.pdbx_CASP_flag            ? 
_struct.pdbx_model_type_details   ? 
# 
_struct_keywords.entry_id        329D 
_struct_keywords.pdbx_keywords   DNA 
_struct_keywords.text            'B-DNA, DOUBLE HELIX, DNA' 
# 
loop_
_struct_asym.id 
_struct_asym.pdbx_blank_PDB_chainid_flag 
_struct_asym.pdbx_modified 
_struct_asym.entity_id 
_struct_asym.details 
A N N 1 ? 
B N N 2 ? 
C N N 3 ? 
D N N 3 ? 
# 
loop_
_struct_ref.id 
_struct_ref.entity_id 
_struct_ref.db_name 
_struct_ref.db_code 
_struct_ref.pdbx_db_accession 
_struct_ref.pdbx_db_isoform 
_struct_ref.pdbx_seq_one_letter_code 
_struct_ref.pdbx_align_begin 
1 1 PDB 329D 329D ? ? ? 
2 2 PDB 329D 329D ? ? ? 
# 
loop_
_struct_ref_seq.align_id 
_struct_ref_seq.ref_id 
_struct_ref_seq.pdbx_PDB_id_code 
_struct_ref_seq.pdbx_strand_id 
_struct_ref_seq.seq_align_beg 
_struct_ref_seq.pdbx_seq_align_beg_ins_code 
_struct_ref_seq.seq_align_end 
_struct_ref_seq.pdbx_seq_align_end_ins_code 
_struct_ref_seq.pdbx_db_accession 
_struct_ref_seq.db_align_beg 
_struct_ref_seq.pdbx_db_align_beg_ins_code 
_struct_ref_seq.db_align_end 
_struct_ref_seq.pdbx_db_align_end_ins_code 
_struct_ref_seq.pdbx_auth_seq_align_beg 
_struct_ref_seq.pdbx_auth_seq_align_end 
1 1 329D A 1 ? 12 ? 329D 1  ? 12 ? 1  12 
2 2 329D B 1 ? 12 ? 329D 13 ? 24 ? 13 24 
# 
_pdbx_struct_assembly.id                   1 
_pdbx_struct_assembly.details              author_defined_assembly 
_pdbx_struct_assembly.method_details       ? 
_pdbx_struct_assembly.oligomeric_details   dimeric 
_pdbx_struct_assembly.oligomeric_count     2 
# 
_pdbx_struct_assembly_gen.assembly_id       1 
_pdbx_struct_assembly_gen.oper_expression   1 
_pdbx_struct_assembly_gen.asym_id_list      A,B,C,D 
# 
_pdbx_struct_oper_list.id                   1 
_pdbx_struct_oper_list.type                 'identity operation' 
_pdbx_struct_oper_list.name                 1_555 
_pdbx_struct_oper_list.symmetry_operation   x,y,z 
_pdbx_struct_oper_list.matrix[1][1]         1.0000000000 
_pdbx_struct_oper_list.matrix[1][2]         0.0000000000 
_pdbx_struct_oper_list.matrix[1][3]         0.0000000000 
_pdbx_struct_oper_list.vector[1]            0.0000000000 
_pdbx_struct_oper_list.matrix[2][1]         0.0000000000 
_pdbx_struct_oper_list.matrix[2][2]         1.0000000000 
_pdbx_struct_oper_list.matrix[2][3]         0.0000000000 
_pdbx_struct_oper_list.vector[2]            0.0000000000 
_pdbx_struct_oper_list.matrix[3][1]         0.0000000000 
_pdbx_struct_oper_list.matrix[3][2]         0.0000000000 
_pdbx_struct_oper_list.matrix[3][3]         1.0000000000 
_pdbx_struct_oper_list.vector[3]            0.0000000000 
# 
_struct_biol.id   1 
# 
loop_
_struct_conn.id 
_struct_conn.conn_type_id 
_struct_conn.pdbx_leaving_atom_flag 
_struct_conn.pdbx_PDB_id 
_struct_conn.ptnr1_label_asym_id 
_struct_conn.ptnr1_label_comp_id 
_struct_conn.ptnr1_label_seq_id 
_struct_conn.ptnr1_label_atom_id 
_struct_conn.pdbx_ptnr1_label_alt_id 
_struct_conn.pdbx_ptnr1_PDB_ins_code 
_struct_conn.pdbx_ptnr1_standard_comp_id 
_struct_conn.ptnr1_symmetry 
_struct_conn.ptnr2_label_asym_id 
_struct_conn.ptnr2_label_comp_id 
_struct_conn.ptnr2_label_seq_id 
_struct_conn.ptnr2_label_atom_id 
_struct_conn.pdbx_ptnr2_label_alt_id 
_struct_conn.pdbx_ptnr2_PDB_ins_code 
_struct_conn.ptnr1_auth_asym_id 
_struct_conn.ptnr1_auth_comp_id 
_struct_conn.ptnr1_auth_seq_id 
_struct_conn.ptnr2_auth_asym_id 
_struct_conn.ptnr2_auth_comp_id 
_struct_conn.ptnr2_auth_seq_id 
_struct_conn.ptnr2_symmetry 
_struct_conn.pdbx_ptnr3_label_atom_id 
_struct_conn.pdbx_ptnr3_label_seq_id 
_struct_conn.pdbx_ptnr3_label_comp_id 
_struct_conn.pdbx_ptnr3_label_asym_id 
_struct_conn.pdbx_ptnr3_label_alt_id 
_struct_conn.pdbx_ptnr3_PDB_ins_code 
_struct_conn.details 
_struct_conn.pdbx_dist_value 
_struct_conn.pdbx_value_order 
_struct_conn.pdbx_role 
covale1  covale both ? A DC  5  "O3'" ? ? ? 1_555 A 5CM 6  P  ? ? A DC  5  A 5CM 6  1_555 ? ? ? ? ? ? ?            1.605 ? ? 
covale2  covale both ? A 5CM 6  "O3'" ? ? ? 1_555 A DG  7  P  ? ? A 5CM 6  A DG  7  1_555 ? ? ? ? ? ? ?            1.603 ? ? 
covale3  covale both ? B DC  5  "O3'" ? ? ? 1_555 B 5CM 6  P  ? ? B DC  17 B 5CM 18 1_555 ? ? ? ? ? ? ?            1.594 ? ? 
covale4  covale both ? B 5CM 6  "O3'" ? ? ? 1_555 B DG  7  P  ? ? B 5CM 18 B DG  19 1_555 ? ? ? ? ? ? ?            1.585 ? ? 
hydrog1  hydrog ?    ? A DA  1  N1    ? ? ? 1_555 B DT  12 N3 ? ? A DA  1  B DT  24 1_555 ? ? ? ? ? ? WATSON-CRICK ?     ? ? 
hydrog2  hydrog ?    ? A DA  1  N6    ? ? ? 1_555 B DT  12 O4 ? ? A DA  1  B DT  24 1_555 ? ? ? ? ? ? WATSON-CRICK ?     ? ? 
hydrog3  hydrog ?    ? A DC  2  N3    ? ? ? 1_555 B DG  11 N1 ? ? A DC  2  B DG  23 1_555 ? ? ? ? ? ? WATSON-CRICK ?     ? ? 
hydrog4  hydrog ?    ? A DC  2  N4    ? ? ? 1_555 B DG  11 O6 ? ? A DC  2  B DG  23 1_555 ? ? ? ? ? ? WATSON-CRICK ?     ? ? 
hydrog5  hydrog ?    ? A DC  2  O2    ? ? ? 1_555 B DG  11 N2 ? ? A DC  2  B DG  23 1_555 ? ? ? ? ? ? WATSON-CRICK ?     ? ? 
hydrog6  hydrog ?    ? A DC  3  N4    ? ? ? 1_555 B DG  10 O6 ? ? A DC  3  B DG  22 1_555 ? ? ? ? ? ? 'DC-DG PAIR' ?     ? ? 
hydrog7  hydrog ?    ? A DG  4  N1    ? ? ? 1_555 B DC  9  N3 ? ? A DG  4  B DC  21 1_555 ? ? ? ? ? ? WATSON-CRICK ?     ? ? 
hydrog8  hydrog ?    ? A DG  4  N2    ? ? ? 1_555 B DC  9  O2 ? ? A DG  4  B DC  21 1_555 ? ? ? ? ? ? WATSON-CRICK ?     ? ? 
hydrog9  hydrog ?    ? A DG  4  O6    ? ? ? 1_555 B DC  9  N4 ? ? A DG  4  B DC  21 1_555 ? ? ? ? ? ? WATSON-CRICK ?     ? ? 
hydrog10 hydrog ?    ? A DC  5  N3    ? ? ? 1_555 B DG  8  N1 ? ? A DC  5  B DG  20 1_555 ? ? ? ? ? ? WATSON-CRICK ?     ? ? 
hydrog11 hydrog ?    ? A DC  5  N4    ? ? ? 1_555 B DG  8  O6 ? ? A DC  5  B DG  20 1_555 ? ? ? ? ? ? WATSON-CRICK ?     ? ? 
hydrog12 hydrog ?    ? A DC  5  O2    ? ? ? 1_555 B DG  8  N2 ? ? A DC  5  B DG  20 1_555 ? ? ? ? ? ? WATSON-CRICK ?     ? ? 
hydrog13 hydrog ?    ? A 5CM 6  N3    ? ? ? 1_555 B DG  7  N1 ? ? A 5CM 6  B DG  19 1_555 ? ? ? ? ? ? WATSON-CRICK ?     ? ? 
hydrog14 hydrog ?    ? A 5CM 6  N4    ? ? ? 1_555 B DG  7  O6 ? ? A 5CM 6  B DG  19 1_555 ? ? ? ? ? ? WATSON-CRICK ?     ? ? 
hydrog15 hydrog ?    ? A 5CM 6  O2    ? ? ? 1_555 B DG  7  N2 ? ? A 5CM 6  B DG  19 1_555 ? ? ? ? ? ? WATSON-CRICK ?     ? ? 
hydrog16 hydrog ?    ? A DG  7  N1    ? ? ? 1_555 B 5CM 6  N3 ? ? A DG  7  B 5CM 18 1_555 ? ? ? ? ? ? WATSON-CRICK ?     ? ? 
hydrog17 hydrog ?    ? A DG  7  N2    ? ? ? 1_555 B 5CM 6  O2 ? ? A DG  7  B 5CM 18 1_555 ? ? ? ? ? ? WATSON-CRICK ?     ? ? 
hydrog18 hydrog ?    ? A DG  7  O6    ? ? ? 1_555 B 5CM 6  N4 ? ? A DG  7  B 5CM 18 1_555 ? ? ? ? ? ? WATSON-CRICK ?     ? ? 
hydrog19 hydrog ?    ? A DG  8  N1    ? ? ? 1_555 B DC  5  N3 ? ? A DG  8  B DC  17 1_555 ? ? ? ? ? ? WATSON-CRICK ?     ? ? 
hydrog20 hydrog ?    ? A DG  8  N2    ? ? ? 1_555 B DC  5  O2 ? ? A DG  8  B DC  17 1_555 ? ? ? ? ? ? WATSON-CRICK ?     ? ? 
hydrog21 hydrog ?    ? A DG  8  O6    ? ? ? 1_555 B DC  5  N4 ? ? A DG  8  B DC  17 1_555 ? ? ? ? ? ? WATSON-CRICK ?     ? ? 
hydrog22 hydrog ?    ? A DC  9  N3    ? ? ? 1_555 B DG  4  N1 ? ? A DC  9  B DG  16 1_555 ? ? ? ? ? ? WATSON-CRICK ?     ? ? 
hydrog23 hydrog ?    ? A DC  9  N4    ? ? ? 1_555 B DG  4  O6 ? ? A DC  9  B DG  16 1_555 ? ? ? ? ? ? WATSON-CRICK ?     ? ? 
hydrog24 hydrog ?    ? A DC  9  O2    ? ? ? 1_555 B DG  4  N2 ? ? A DC  9  B DG  16 1_555 ? ? ? ? ? ? WATSON-CRICK ?     ? ? 
hydrog25 hydrog ?    ? A DG  10 N1    ? ? ? 1_555 B DC  3  N3 ? ? A DG  10 B DC  15 1_555 ? ? ? ? ? ? WATSON-CRICK ?     ? ? 
hydrog26 hydrog ?    ? A DG  10 N2    ? ? ? 1_555 B DC  3  O2 ? ? A DG  10 B DC  15 1_555 ? ? ? ? ? ? WATSON-CRICK ?     ? ? 
hydrog27 hydrog ?    ? A DG  10 O6    ? ? ? 1_555 B DC  3  N4 ? ? A DG  10 B DC  15 1_555 ? ? ? ? ? ? WATSON-CRICK ?     ? ? 
hydrog28 hydrog ?    ? A DC  11 N3    ? ? ? 1_555 B DG  2  N1 ? ? A DC  11 B DG  14 1_555 ? ? ? ? ? ? WATSON-CRICK ?     ? ? 
hydrog29 hydrog ?    ? A DC  11 N4    ? ? ? 1_555 B DG  2  O6 ? ? A DC  11 B DG  14 1_555 ? ? ? ? ? ? WATSON-CRICK ?     ? ? 
hydrog30 hydrog ?    ? A DC  11 O2    ? ? ? 1_555 B DG  2  N2 ? ? A DC  11 B DG  14 1_555 ? ? ? ? ? ? WATSON-CRICK ?     ? ? 
hydrog31 hydrog ?    ? A DC  12 N3    ? ? ? 1_555 B DG  1  N1 ? ? A DC  12 B DG  13 1_555 ? ? ? ? ? ? WATSON-CRICK ?     ? ? 
hydrog32 hydrog ?    ? A DC  12 N4    ? ? ? 1_555 B DG  1  O6 ? ? A DC  12 B DG  13 1_555 ? ? ? ? ? ? WATSON-CRICK ?     ? ? 
hydrog33 hydrog ?    ? A DC  12 O2    ? ? ? 1_555 B DG  1  N2 ? ? A DC  12 B DG  13 1_555 ? ? ? ? ? ? WATSON-CRICK ?     ? ? 
# 
loop_
_struct_conn_type.id 
_struct_conn_type.criteria 
_struct_conn_type.reference 
covale ? ? 
hydrog ? ? 
# 
_pdbx_validate_rmsd_angle.id                         1 
_pdbx_validate_rmsd_angle.PDB_model_num              1 
_pdbx_validate_rmsd_angle.auth_atom_id_1             N9 
_pdbx_validate_rmsd_angle.auth_asym_id_1             B 
_pdbx_validate_rmsd_angle.auth_comp_id_1             DG 
_pdbx_validate_rmsd_angle.auth_seq_id_1              20 
_pdbx_validate_rmsd_angle.PDB_ins_code_1             ? 
_pdbx_validate_rmsd_angle.label_alt_id_1             ? 
_pdbx_validate_rmsd_angle.auth_atom_id_2             "C1'" 
_pdbx_validate_rmsd_angle.auth_asym_id_2             B 
_pdbx_validate_rmsd_angle.auth_comp_id_2             DG 
_pdbx_validate_rmsd_angle.auth_seq_id_2              20 
_pdbx_validate_rmsd_angle.PDB_ins_code_2             ? 
_pdbx_validate_rmsd_angle.label_alt_id_2             ? 
_pdbx_validate_rmsd_angle.auth_atom_id_3             "C2'" 
_pdbx_validate_rmsd_angle.auth_asym_id_3             B 
_pdbx_validate_rmsd_angle.auth_comp_id_3             DG 
_pdbx_validate_rmsd_angle.auth_seq_id_3              20 
_pdbx_validate_rmsd_angle.PDB_ins_code_3             ? 
_pdbx_validate_rmsd_angle.label_alt_id_3             ? 
_pdbx_validate_rmsd_angle.angle_value                122.75 
_pdbx_validate_rmsd_angle.angle_target_value         114.30 
_pdbx_validate_rmsd_angle.angle_deviation            8.45 
_pdbx_validate_rmsd_angle.angle_standard_deviation   1.40 
_pdbx_validate_rmsd_angle.linker_flag                N 
# 
loop_
_pdbx_validate_planes.id 
_pdbx_validate_planes.PDB_model_num 
_pdbx_validate_planes.auth_comp_id 
_pdbx_validate_planes.auth_asym_id 
_pdbx_validate_planes.auth_seq_id 
_pdbx_validate_planes.PDB_ins_code 
_pdbx_validate_planes.label_alt_id 
_pdbx_validate_planes.rmsd 
_pdbx_validate_planes.type 
1 1 DA A 1  ? ? 0.056 'SIDE CHAIN' 
2 1 DC A 2  ? ? 0.063 'SIDE CHAIN' 
3 1 DC A 5  ? ? 0.070 'SIDE CHAIN' 
4 1 DG A 10 ? ? 0.054 'SIDE CHAIN' 
5 1 DC B 17 ? ? 0.064 'SIDE CHAIN' 
6 1 DG B 19 ? ? 0.072 'SIDE CHAIN' 
7 1 DG B 23 ? ? 0.056 'SIDE CHAIN' 
# 
loop_
_pdbx_struct_mod_residue.id 
_pdbx_struct_mod_residue.label_asym_id 
_pdbx_struct_mod_residue.label_comp_id 
_pdbx_struct_mod_residue.label_seq_id 
_pdbx_struct_mod_residue.auth_asym_id 
_pdbx_struct_mod_residue.auth_comp_id 
_pdbx_struct_mod_residue.auth_seq_id 
_pdbx_struct_mod_residue.PDB_ins_code 
_pdbx_struct_mod_residue.parent_comp_id 
_pdbx_struct_mod_residue.details 
1 A 5CM 6 A 5CM 6  ? DC ? 
2 B 5CM 6 B 5CM 18 ? DC ? 
# 
loop_
_refine_B_iso.class 
_refine_B_iso.details 
_refine_B_iso.treatment 
_refine_B_iso.pdbx_refine_id 
'ALL ATOMS'  TR isotropic 'X-RAY DIFFRACTION' 
'ALL WATERS' TR isotropic 'X-RAY DIFFRACTION' 
# 
loop_
_refine_occupancy.class 
_refine_occupancy.treatment 
_refine_occupancy.pdbx_refine_id 
'ALL ATOMS'  fix 'X-RAY DIFFRACTION' 
'ALL WATERS' fix 'X-RAY DIFFRACTION' 
# 
loop_
_chem_comp_atom.comp_id 
_chem_comp_atom.atom_id 
_chem_comp_atom.type_symbol 
_chem_comp_atom.pdbx_aromatic_flag 
_chem_comp_atom.pdbx_stereo_config 
_chem_comp_atom.pdbx_ordinal 
5CM N1     N N N 1   
5CM C2     C N N 2   
5CM N3     N N N 3   
5CM C4     C N N 4   
5CM C5     C N N 5   
5CM C5A    C N N 6   
5CM C6     C N N 7   
5CM O2     O N N 8   
5CM N4     N N N 9   
5CM "C1'"  C N R 10  
5CM "C2'"  C N N 11  
5CM "C3'"  C N S 12  
5CM "C4'"  C N R 13  
5CM "O4'"  O N N 14  
5CM "O3'"  O N N 15  
5CM "C5'"  C N N 16  
5CM "O5'"  O N N 17  
5CM P      P N N 18  
5CM OP1    O N N 19  
5CM OP2    O N N 20  
5CM OP3    O N N 21  
5CM H5A1   H N N 22  
5CM H5A2   H N N 23  
5CM H5A3   H N N 24  
5CM H6     H N N 25  
5CM HN41   H N N 26  
5CM HN42   H N N 27  
5CM "H1'"  H N N 28  
5CM "H2'"  H N N 29  
5CM "H2''" H N N 30  
5CM "H3'"  H N N 31  
5CM "H4'"  H N N 32  
5CM "HO3'" H N N 33  
5CM "H5'"  H N N 34  
5CM "H5''" H N N 35  
5CM HOP2   H N N 36  
5CM HOP3   H N N 37  
DA  OP3    O N N 38  
DA  P      P N N 39  
DA  OP1    O N N 40  
DA  OP2    O N N 41  
DA  "O5'"  O N N 42  
DA  "C5'"  C N N 43  
DA  "C4'"  C N R 44  
DA  "O4'"  O N N 45  
DA  "C3'"  C N S 46  
DA  "O3'"  O N N 47  
DA  "C2'"  C N N 48  
DA  "C1'"  C N R 49  
DA  N9     N Y N 50  
DA  C8     C Y N 51  
DA  N7     N Y N 52  
DA  C5     C Y N 53  
DA  C6     C Y N 54  
DA  N6     N N N 55  
DA  N1     N Y N 56  
DA  C2     C Y N 57  
DA  N3     N Y N 58  
DA  C4     C Y N 59  
DA  HOP3   H N N 60  
DA  HOP2   H N N 61  
DA  "H5'"  H N N 62  
DA  "H5''" H N N 63  
DA  "H4'"  H N N 64  
DA  "H3'"  H N N 65  
DA  "HO3'" H N N 66  
DA  "H2'"  H N N 67  
DA  "H2''" H N N 68  
DA  "H1'"  H N N 69  
DA  H8     H N N 70  
DA  H61    H N N 71  
DA  H62    H N N 72  
DA  H2     H N N 73  
DC  OP3    O N N 74  
DC  P      P N N 75  
DC  OP1    O N N 76  
DC  OP2    O N N 77  
DC  "O5'"  O N N 78  
DC  "C5'"  C N N 79  
DC  "C4'"  C N R 80  
DC  "O4'"  O N N 81  
DC  "C3'"  C N S 82  
DC  "O3'"  O N N 83  
DC  "C2'"  C N N 84  
DC  "C1'"  C N R 85  
DC  N1     N N N 86  
DC  C2     C N N 87  
DC  O2     O N N 88  
DC  N3     N N N 89  
DC  C4     C N N 90  
DC  N4     N N N 91  
DC  C5     C N N 92  
DC  C6     C N N 93  
DC  HOP3   H N N 94  
DC  HOP2   H N N 95  
DC  "H5'"  H N N 96  
DC  "H5''" H N N 97  
DC  "H4'"  H N N 98  
DC  "H3'"  H N N 99  
DC  "HO3'" H N N 100 
DC  "H2'"  H N N 101 
DC  "H2''" H N N 102 
DC  "H1'"  H N N 103 
DC  H41    H N N 104 
DC  H42    H N N 105 
DC  H5     H N N 106 
DC  H6     H N N 107 
DG  OP3    O N N 108 
DG  P      P N N 109 
DG  OP1    O N N 110 
DG  OP2    O N N 111 
DG  "O5'"  O N N 112 
DG  "C5'"  C N N 113 
DG  "C4'"  C N R 114 
DG  "O4'"  O N N 115 
DG  "C3'"  C N S 116 
DG  "O3'"  O N N 117 
DG  "C2'"  C N N 118 
DG  "C1'"  C N R 119 
DG  N9     N Y N 120 
DG  C8     C Y N 121 
DG  N7     N Y N 122 
DG  C5     C Y N 123 
DG  C6     C N N 124 
DG  O6     O N N 125 
DG  N1     N N N 126 
DG  C2     C N N 127 
DG  N2     N N N 128 
DG  N3     N N N 129 
DG  C4     C Y N 130 
DG  HOP3   H N N 131 
DG  HOP2   H N N 132 
DG  "H5'"  H N N 133 
DG  "H5''" H N N 134 
DG  "H4'"  H N N 135 
DG  "H3'"  H N N 136 
DG  "HO3'" H N N 137 
DG  "H2'"  H N N 138 
DG  "H2''" H N N 139 
DG  "H1'"  H N N 140 
DG  H8     H N N 141 
DG  H1     H N N 142 
DG  H21    H N N 143 
DG  H22    H N N 144 
DT  OP3    O N N 145 
DT  P      P N N 146 
DT  OP1    O N N 147 
DT  OP2    O N N 148 
DT  "O5'"  O N N 149 
DT  "C5'"  C N N 150 
DT  "C4'"  C N R 151 
DT  "O4'"  O N N 152 
DT  "C3'"  C N S 153 
DT  "O3'"  O N N 154 
DT  "C2'"  C N N 155 
DT  "C1'"  C N R 156 
DT  N1     N N N 157 
DT  C2     C N N 158 
DT  O2     O N N 159 
DT  N3     N N N 160 
DT  C4     C N N 161 
DT  O4     O N N 162 
DT  C5     C N N 163 
DT  C7     C N N 164 
DT  C6     C N N 165 
DT  HOP3   H N N 166 
DT  HOP2   H N N 167 
DT  "H5'"  H N N 168 
DT  "H5''" H N N 169 
DT  "H4'"  H N N 170 
DT  "H3'"  H N N 171 
DT  "HO3'" H N N 172 
DT  "H2'"  H N N 173 
DT  "H2''" H N N 174 
DT  "H1'"  H N N 175 
DT  H3     H N N 176 
DT  H71    H N N 177 
DT  H72    H N N 178 
DT  H73    H N N 179 
DT  H6     H N N 180 
HOH O      O N N 181 
HOH H1     H N N 182 
HOH H2     H N N 183 
# 
loop_
_chem_comp_bond.comp_id 
_chem_comp_bond.atom_id_1 
_chem_comp_bond.atom_id_2 
_chem_comp_bond.value_order 
_chem_comp_bond.pdbx_aromatic_flag 
_chem_comp_bond.pdbx_stereo_config 
_chem_comp_bond.pdbx_ordinal 
5CM N1    C2     sing N N 1   
5CM N1    C6     sing N N 2   
5CM N1    "C1'"  sing N N 3   
5CM C2    N3     sing N N 4   
5CM C2    O2     doub N N 5   
5CM N3    C4     doub N N 6   
5CM C4    C5     sing N N 7   
5CM C4    N4     sing N N 8   
5CM C5    C5A    sing N N 9   
5CM C5    C6     doub N N 10  
5CM C5A   H5A1   sing N N 11  
5CM C5A   H5A2   sing N N 12  
5CM C5A   H5A3   sing N N 13  
5CM C6    H6     sing N N 14  
5CM N4    HN41   sing N N 15  
5CM N4    HN42   sing N N 16  
5CM "C1'" "C2'"  sing N N 17  
5CM "C1'" "O4'"  sing N N 18  
5CM "C1'" "H1'"  sing N N 19  
5CM "C2'" "C3'"  sing N N 20  
5CM "C2'" "H2'"  sing N N 21  
5CM "C2'" "H2''" sing N N 22  
5CM "C3'" "C4'"  sing N N 23  
5CM "C3'" "O3'"  sing N N 24  
5CM "C3'" "H3'"  sing N N 25  
5CM "C4'" "O4'"  sing N N 26  
5CM "C4'" "C5'"  sing N N 27  
5CM "C4'" "H4'"  sing N N 28  
5CM "O3'" "HO3'" sing N N 29  
5CM "C5'" "O5'"  sing N N 30  
5CM "C5'" "H5'"  sing N N 31  
5CM "C5'" "H5''" sing N N 32  
5CM "O5'" P      sing N N 33  
5CM P     OP1    doub N N 34  
5CM P     OP2    sing N N 35  
5CM P     OP3    sing N N 36  
5CM OP2   HOP2   sing N N 37  
5CM OP3   HOP3   sing N N 38  
DA  OP3   P      sing N N 39  
DA  OP3   HOP3   sing N N 40  
DA  P     OP1    doub N N 41  
DA  P     OP2    sing N N 42  
DA  P     "O5'"  sing N N 43  
DA  OP2   HOP2   sing N N 44  
DA  "O5'" "C5'"  sing N N 45  
DA  "C5'" "C4'"  sing N N 46  
DA  "C5'" "H5'"  sing N N 47  
DA  "C5'" "H5''" sing N N 48  
DA  "C4'" "O4'"  sing N N 49  
DA  "C4'" "C3'"  sing N N 50  
DA  "C4'" "H4'"  sing N N 51  
DA  "O4'" "C1'"  sing N N 52  
DA  "C3'" "O3'"  sing N N 53  
DA  "C3'" "C2'"  sing N N 54  
DA  "C3'" "H3'"  sing N N 55  
DA  "O3'" "HO3'" sing N N 56  
DA  "C2'" "C1'"  sing N N 57  
DA  "C2'" "H2'"  sing N N 58  
DA  "C2'" "H2''" sing N N 59  
DA  "C1'" N9     sing N N 60  
DA  "C1'" "H1'"  sing N N 61  
DA  N9    C8     sing Y N 62  
DA  N9    C4     sing Y N 63  
DA  C8    N7     doub Y N 64  
DA  C8    H8     sing N N 65  
DA  N7    C5     sing Y N 66  
DA  C5    C6     sing Y N 67  
DA  C5    C4     doub Y N 68  
DA  C6    N6     sing N N 69  
DA  C6    N1     doub Y N 70  
DA  N6    H61    sing N N 71  
DA  N6    H62    sing N N 72  
DA  N1    C2     sing Y N 73  
DA  C2    N3     doub Y N 74  
DA  C2    H2     sing N N 75  
DA  N3    C4     sing Y N 76  
DC  OP3   P      sing N N 77  
DC  OP3   HOP3   sing N N 78  
DC  P     OP1    doub N N 79  
DC  P     OP2    sing N N 80  
DC  P     "O5'"  sing N N 81  
DC  OP2   HOP2   sing N N 82  
DC  "O5'" "C5'"  sing N N 83  
DC  "C5'" "C4'"  sing N N 84  
DC  "C5'" "H5'"  sing N N 85  
DC  "C5'" "H5''" sing N N 86  
DC  "C4'" "O4'"  sing N N 87  
DC  "C4'" "C3'"  sing N N 88  
DC  "C4'" "H4'"  sing N N 89  
DC  "O4'" "C1'"  sing N N 90  
DC  "C3'" "O3'"  sing N N 91  
DC  "C3'" "C2'"  sing N N 92  
DC  "C3'" "H3'"  sing N N 93  
DC  "O3'" "HO3'" sing N N 94  
DC  "C2'" "C1'"  sing N N 95  
DC  "C2'" "H2'"  sing N N 96  
DC  "C2'" "H2''" sing N N 97  
DC  "C1'" N1     sing N N 98  
DC  "C1'" "H1'"  sing N N 99  
DC  N1    C2     sing N N 100 
DC  N1    C6     sing N N 101 
DC  C2    O2     doub N N 102 
DC  C2    N3     sing N N 103 
DC  N3    C4     doub N N 104 
DC  C4    N4     sing N N 105 
DC  C4    C5     sing N N 106 
DC  N4    H41    sing N N 107 
DC  N4    H42    sing N N 108 
DC  C5    C6     doub N N 109 
DC  C5    H5     sing N N 110 
DC  C6    H6     sing N N 111 
DG  OP3   P      sing N N 112 
DG  OP3   HOP3   sing N N 113 
DG  P     OP1    doub N N 114 
DG  P     OP2    sing N N 115 
DG  P     "O5'"  sing N N 116 
DG  OP2   HOP2   sing N N 117 
DG  "O5'" "C5'"  sing N N 118 
DG  "C5'" "C4'"  sing N N 119 
DG  "C5'" "H5'"  sing N N 120 
DG  "C5'" "H5''" sing N N 121 
DG  "C4'" "O4'"  sing N N 122 
DG  "C4'" "C3'"  sing N N 123 
DG  "C4'" "H4'"  sing N N 124 
DG  "O4'" "C1'"  sing N N 125 
DG  "C3'" "O3'"  sing N N 126 
DG  "C3'" "C2'"  sing N N 127 
DG  "C3'" "H3'"  sing N N 128 
DG  "O3'" "HO3'" sing N N 129 
DG  "C2'" "C1'"  sing N N 130 
DG  "C2'" "H2'"  sing N N 131 
DG  "C2'" "H2''" sing N N 132 
DG  "C1'" N9     sing N N 133 
DG  "C1'" "H1'"  sing N N 134 
DG  N9    C8     sing Y N 135 
DG  N9    C4     sing Y N 136 
DG  C8    N7     doub Y N 137 
DG  C8    H8     sing N N 138 
DG  N7    C5     sing Y N 139 
DG  C5    C6     sing N N 140 
DG  C5    C4     doub Y N 141 
DG  C6    O6     doub N N 142 
DG  C6    N1     sing N N 143 
DG  N1    C2     sing N N 144 
DG  N1    H1     sing N N 145 
DG  C2    N2     sing N N 146 
DG  C2    N3     doub N N 147 
DG  N2    H21    sing N N 148 
DG  N2    H22    sing N N 149 
DG  N3    C4     sing N N 150 
DT  OP3   P      sing N N 151 
DT  OP3   HOP3   sing N N 152 
DT  P     OP1    doub N N 153 
DT  P     OP2    sing N N 154 
DT  P     "O5'"  sing N N 155 
DT  OP2   HOP2   sing N N 156 
DT  "O5'" "C5'"  sing N N 157 
DT  "C5'" "C4'"  sing N N 158 
DT  "C5'" "H5'"  sing N N 159 
DT  "C5'" "H5''" sing N N 160 
DT  "C4'" "O4'"  sing N N 161 
DT  "C4'" "C3'"  sing N N 162 
DT  "C4'" "H4'"  sing N N 163 
DT  "O4'" "C1'"  sing N N 164 
DT  "C3'" "O3'"  sing N N 165 
DT  "C3'" "C2'"  sing N N 166 
DT  "C3'" "H3'"  sing N N 167 
DT  "O3'" "HO3'" sing N N 168 
DT  "C2'" "C1'"  sing N N 169 
DT  "C2'" "H2'"  sing N N 170 
DT  "C2'" "H2''" sing N N 171 
DT  "C1'" N1     sing N N 172 
DT  "C1'" "H1'"  sing N N 173 
DT  N1    C2     sing N N 174 
DT  N1    C6     sing N N 175 
DT  C2    O2     doub N N 176 
DT  C2    N3     sing N N 177 
DT  N3    C4     sing N N 178 
DT  N3    H3     sing N N 179 
DT  C4    O4     doub N N 180 
DT  C4    C5     sing N N 181 
DT  C5    C7     sing N N 182 
DT  C5    C6     doub N N 183 
DT  C7    H71    sing N N 184 
DT  C7    H72    sing N N 185 
DT  C7    H73    sing N N 186 
DT  C6    H6     sing N N 187 
HOH O     H1     sing N N 188 
HOH O     H2     sing N N 189 
# 
loop_
_ndb_struct_conf_na.entry_id 
_ndb_struct_conf_na.feature 
329D 'double helix'        
329D 'b-form double helix' 
# 
loop_
_ndb_struct_na_base_pair.model_number 
_ndb_struct_na_base_pair.i_label_asym_id 
_ndb_struct_na_base_pair.i_label_comp_id 
_ndb_struct_na_base_pair.i_label_seq_id 
_ndb_struct_na_base_pair.i_symmetry 
_ndb_struct_na_base_pair.j_label_asym_id 
_ndb_struct_na_base_pair.j_label_comp_id 
_ndb_struct_na_base_pair.j_label_seq_id 
_ndb_struct_na_base_pair.j_symmetry 
_ndb_struct_na_base_pair.shear 
_ndb_struct_na_base_pair.stretch 
_ndb_struct_na_base_pair.stagger 
_ndb_struct_na_base_pair.buckle 
_ndb_struct_na_base_pair.propeller 
_ndb_struct_na_base_pair.opening 
_ndb_struct_na_base_pair.pair_number 
_ndb_struct_na_base_pair.pair_name 
_ndb_struct_na_base_pair.i_auth_asym_id 
_ndb_struct_na_base_pair.i_auth_seq_id 
_ndb_struct_na_base_pair.i_PDB_ins_code 
_ndb_struct_na_base_pair.j_auth_asym_id 
_ndb_struct_na_base_pair.j_auth_seq_id 
_ndb_struct_na_base_pair.j_PDB_ins_code 
_ndb_struct_na_base_pair.hbond_type_28 
_ndb_struct_na_base_pair.hbond_type_12 
1 A DA  1  1_555 B DT  12 1_555 0.593  -0.185 -0.084 -2.486  -4.932  -5.111  1  A_DA1:DT24_B  A 1  ? B 24 ? 20 1 
1 A DC  2  1_555 B DG  11 1_555 0.976  -0.617 0.114  5.834   -15.589 -2.247  2  A_DC2:DG23_B  A 2  ? B 23 ? 19 1 
1 A DC  3  1_555 B DG  10 1_555 0.154  1.961  0.345  -12.738 0.348   -93.283 3  A_DC3:DG22_B  A 3  ? B 22 ? ?  ? 
1 A DG  4  1_555 B DC  9  1_555 -0.047 -0.506 -0.093 -0.182  -5.653  -2.118  4  A_DG4:DC21_B  A 4  ? B 21 ? 19 1 
1 A DC  5  1_555 B DG  8  1_555 0.830  -0.533 0.658  -15.369 -7.426  -1.409  5  A_DC5:DG20_B  A 5  ? B 20 ? 19 1 
1 A 5CM 6  1_555 B DG  7  1_555 0.373  -0.508 0.064  -1.209  -15.558 2.082   6  A_5CM6:DG19_B A 6  ? B 19 ? 19 1 
1 A DG  7  1_555 B 5CM 6  1_555 0.079  -0.290 -0.414 -2.930  -12.790 -0.221  7  A_DG7:5CM18_B A 7  ? B 18 ? 19 1 
1 A DG  8  1_555 B DC  5  1_555 0.037  -0.206 0.490  2.279   -15.799 -0.826  8  A_DG8:DC17_B  A 8  ? B 17 ? 19 1 
1 A DC  9  1_555 B DG  4  1_555 0.876  -0.854 0.054  -3.512  -1.427  -4.467  9  A_DC9:DG16_B  A 9  ? B 16 ? 19 1 
1 A DG  10 1_555 B DC  3  1_555 0.038  -0.313 0.380  -7.494  -16.776 -8.643  10 A_DG10:DC15_B A 10 ? B 15 ? 19 1 
1 A DC  11 1_555 B DG  2  1_555 0.314  -0.480 0.246  -0.959  -7.065  -4.534  11 A_DC11:DG14_B A 11 ? B 14 ? 19 1 
1 A DC  12 1_555 B DG  1  1_555 -0.387 -0.468 0.354  -2.293  -8.150  -2.406  12 A_DC12:DG13_B A 12 ? B 13 ? 19 1 
# 
loop_
_ndb_struct_na_base_pair_step.model_number 
_ndb_struct_na_base_pair_step.i_label_asym_id_1 
_ndb_struct_na_base_pair_step.i_label_comp_id_1 
_ndb_struct_na_base_pair_step.i_label_seq_id_1 
_ndb_struct_na_base_pair_step.i_symmetry_1 
_ndb_struct_na_base_pair_step.j_label_asym_id_1 
_ndb_struct_na_base_pair_step.j_label_comp_id_1 
_ndb_struct_na_base_pair_step.j_label_seq_id_1 
_ndb_struct_na_base_pair_step.j_symmetry_1 
_ndb_struct_na_base_pair_step.i_label_asym_id_2 
_ndb_struct_na_base_pair_step.i_label_comp_id_2 
_ndb_struct_na_base_pair_step.i_label_seq_id_2 
_ndb_struct_na_base_pair_step.i_symmetry_2 
_ndb_struct_na_base_pair_step.j_label_asym_id_2 
_ndb_struct_na_base_pair_step.j_label_comp_id_2 
_ndb_struct_na_base_pair_step.j_label_seq_id_2 
_ndb_struct_na_base_pair_step.j_symmetry_2 
_ndb_struct_na_base_pair_step.shift 
_ndb_struct_na_base_pair_step.slide 
_ndb_struct_na_base_pair_step.rise 
_ndb_struct_na_base_pair_step.tilt 
_ndb_struct_na_base_pair_step.roll 
_ndb_struct_na_base_pair_step.twist 
_ndb_struct_na_base_pair_step.x_displacement 
_ndb_struct_na_base_pair_step.y_displacement 
_ndb_struct_na_base_pair_step.helical_rise 
_ndb_struct_na_base_pair_step.inclination 
_ndb_struct_na_base_pair_step.tip 
_ndb_struct_na_base_pair_step.helical_twist 
_ndb_struct_na_base_pair_step.step_number 
_ndb_struct_na_base_pair_step.step_name 
_ndb_struct_na_base_pair_step.i_auth_asym_id_1 
_ndb_struct_na_base_pair_step.i_auth_seq_id_1 
_ndb_struct_na_base_pair_step.i_PDB_ins_code_1 
_ndb_struct_na_base_pair_step.j_auth_asym_id_1 
_ndb_struct_na_base_pair_step.j_auth_seq_id_1 
_ndb_struct_na_base_pair_step.j_PDB_ins_code_1 
_ndb_struct_na_base_pair_step.i_auth_asym_id_2 
_ndb_struct_na_base_pair_step.i_auth_seq_id_2 
_ndb_struct_na_base_pair_step.i_PDB_ins_code_2 
_ndb_struct_na_base_pair_step.j_auth_asym_id_2 
_ndb_struct_na_base_pair_step.j_auth_seq_id_2 
_ndb_struct_na_base_pair_step.j_PDB_ins_code_2 
1 A DA  1  1_555 B DT  12 1_555 A DC  2  1_555 B DG  11 1_555 -0.225 -0.287 3.083 -1.660 3.374  39.521  -0.793  0.149  3.056 4.976 
2.448   39.693  1  AA_DA1DC2:DG23DT24_BB   A 1  ? B 24 ? A 2  ? B 23 ? 
1 A DC  2  1_555 B DG  11 1_555 A DC  3  1_555 B DG  10 1_555 1.727  -0.893 3.425 2.551  4.024  84.089  -0.766  -1.225 3.430 3.002 
-1.903  84.199  2  AA_DC2DC3:DG22DG23_BB   A 2  ? B 23 ? A 3  ? B 22 ? 
1 A DC  3  1_555 B DG  10 1_555 A DG  4  1_555 B DC  9  1_555 0.147  2.448  3.349 2.619  4.057  -16.302 -10.720 2.074  2.610 
-13.913 8.984   -16.998 3  AA_DC3DG4:DC21DG22_BB   A 3  ? B 22 ? A 4  ? B 21 ? 
1 A DG  4  1_555 B DC  9  1_555 A DC  5  1_555 B DG  8  1_555 -0.228 0.297  3.810 -8.790 -2.145 35.957  0.805   -1.023 3.738 
-3.408  13.968  37.041  4  AA_DG4DC5:DG20DC21_BB   A 4  ? B 21 ? A 5  ? B 20 ? 
1 A DC  5  1_555 B DG  8  1_555 A 5CM 6  1_555 B DG  7  1_555 0.114  -0.025 3.049 8.621  6.341  27.561  -1.315  1.498  2.877 
12.719  -17.292 29.528  5  AA_DC55CM6:DG19DG20_BB  A 5  ? B 20 ? A 6  ? B 19 ? 
1 A 5CM 6  1_555 B DG  7  1_555 A DG  7  1_555 B 5CM 6  1_555 0.205  1.144  3.458 4.881  5.717  40.210  0.958   0.287  3.581 8.229 
-7.025  40.879  6  AA_5CM6DG7:5CM18DG19_BB A 6  ? B 19 ? A 7  ? B 18 ? 
1 A DG  7  1_555 B 5CM 6  1_555 A DG  8  1_555 B DC  5  1_555 -0.442 0.121  3.175 -8.540 11.826 33.911  -1.409  -0.457 3.069 
19.211  13.873  36.831  7  AA_DG7DG8:DC175CM18_BB  A 7  ? B 18 ? A 8  ? B 17 ? 
1 A DG  8  1_555 B DC  5  1_555 A DC  9  1_555 B DG  4  1_555 -0.610 0.225  3.455 -1.575 -3.104 36.931  0.792   0.737  3.447 
-4.886  2.480   37.089  8  AA_DG8DC9:DG16DC17_BB   A 8  ? B 17 ? A 9  ? B 16 ? 
1 A DC  9  1_555 B DG  4  1_555 A DG  10 1_555 B DC  3  1_555 -0.129 0.686  3.581 0.843  0.728  34.768  1.025   0.357  3.590 1.217 
-1.411  34.785  9  AA_DC9DG10:DC15DG16_BB  A 9  ? B 16 ? A 10 ? B 15 ? 
1 A DG  10 1_555 B DC  3  1_555 A DC  11 1_555 B DG  2  1_555 0.302  -0.457 3.305 -0.252 3.716  33.301  -1.405  -0.565 3.234 6.458 
0.438   33.503  10 AA_DG10DC11:DG14DC15_BB A 10 ? B 15 ? A 11 ? B 14 ? 
1 A DC  11 1_555 B DG  2  1_555 A DC  12 1_555 B DG  1  1_555 0.562  -0.371 3.259 -0.912 4.130  31.558  -1.421  -1.189 3.169 7.550 
1.668   31.833  11 AA_DC11DC12:DG13DG14_BB A 11 ? B 14 ? A 12 ? B 13 ? 
# 
_pdbx_initial_refinement_model.accession_code   330D 
_pdbx_initial_refinement_model.id               1 
_pdbx_initial_refinement_model.entity_id_list   ? 
_pdbx_initial_refinement_model.type             'experimental model' 
_pdbx_initial_refinement_model.source_name      PDB 
_pdbx_initial_refinement_model.details          BDL035 
# 
_atom_sites.entry_id                    329D 
_atom_sites.fract_transf_matrix[1][1]   0.00443035 
_atom_sites.fract_transf_matrix[1][2]   -0.00645328 
_atom_sites.fract_transf_matrix[1][3]   0.01578642 
_atom_sites.fract_transf_matrix[2][1]   -0.00336576 
_atom_sites.fract_transf_matrix[2][2]   -0.01685373 
_atom_sites.fract_transf_matrix[2][3]   0.00388883 
_atom_sites.fract_transf_matrix[3][1]   0.01933386 
_atom_sites.fract_transf_matrix[3][2]   -0.00564552 
_atom_sites.fract_transf_matrix[3][3]   -0.00773373 
_atom_sites.fract_transf_vector[1]      0.061464 
_atom_sites.fract_transf_vector[2]      0.371579 
_atom_sites.fract_transf_vector[3]      -0.003421 
# 
loop_
_atom_type.symbol 
C 
N 
O 
P 
# 
loop_
_atom_site.group_PDB 
_atom_site.id 
_atom_site.type_symbol 
_atom_site.label_atom_id 
_atom_site.label_alt_id 
_atom_site.label_comp_id 
_atom_site.label_asym_id 
_atom_site.label_entity_id 
_atom_site.label_seq_id 
_atom_site.pdbx_PDB_ins_code 
_atom_site.Cartn_x 
_atom_site.Cartn_y 
_atom_site.Cartn_z 
_atom_site.occupancy 
_atom_site.B_iso_or_equiv 
_atom_site.pdbx_formal_charge 
_atom_site.auth_seq_id 
_atom_site.auth_comp_id 
_atom_site.auth_asym_id 
_atom_site.auth_atom_id 
_atom_site.pdbx_PDB_model_num 
ATOM   1   O "O5'" . DA  A 1 1  ? 2.356   -7.397  -20.397 1.00 42.04 ? 1  DA  A "O5'" 1 
ATOM   2   C "C5'" . DA  A 1 1  ? 1.915   -6.112  -19.949 1.00 45.85 ? 1  DA  A "C5'" 1 
ATOM   3   C "C4'" . DA  A 1 1  ? 0.441   -6.074  -19.612 1.00 44.02 ? 1  DA  A "C4'" 1 
ATOM   4   O "O4'" . DA  A 1 1  ? 0.103   -7.278  -18.892 1.00 46.13 ? 1  DA  A "O4'" 1 
ATOM   5   C "C3'" . DA  A 1 1  ? 0.035   -4.918  -18.701 1.00 43.51 ? 1  DA  A "C3'" 1 
ATOM   6   O "O3'" . DA  A 1 1  ? -1.279  -4.471  -19.055 1.00 44.92 ? 1  DA  A "O3'" 1 
ATOM   7   C "C2'" . DA  A 1 1  ? 0.051   -5.539  -17.314 1.00 41.37 ? 1  DA  A "C2'" 1 
ATOM   8   C "C1'" . DA  A 1 1  ? -0.334  -6.985  -17.571 1.00 38.84 ? 1  DA  A "C1'" 1 
ATOM   9   N N9    . DA  A 1 1  ? 0.270   -7.992  -16.687 1.00 30.88 ? 1  DA  A N9    1 
ATOM   10  C C8    . DA  A 1 1  ? 1.609   -8.256  -16.478 1.00 26.31 ? 1  DA  A C8    1 
ATOM   11  N N7    . DA  A 1 1  ? 1.830   -9.307  -15.722 1.00 22.41 ? 1  DA  A N7    1 
ATOM   12  C C5    . DA  A 1 1  ? 0.555   -9.752  -15.391 1.00 22.64 ? 1  DA  A C5    1 
ATOM   13  C C6    . DA  A 1 1  ? 0.106   -10.853 -14.638 1.00 21.21 ? 1  DA  A C6    1 
ATOM   14  N N6    . DA  A 1 1  ? 0.931   -11.750 -14.083 1.00 20.36 ? 1  DA  A N6    1 
ATOM   15  N N1    . DA  A 1 1  ? -1.236  -11.011 -14.487 1.00 18.03 ? 1  DA  A N1    1 
ATOM   16  C C2    . DA  A 1 1  ? -2.057  -10.119 -15.069 1.00 20.49 ? 1  DA  A C2    1 
ATOM   17  N N3    . DA  A 1 1  ? -1.752  -9.049  -15.811 1.00 19.59 ? 1  DA  A N3    1 
ATOM   18  C C4    . DA  A 1 1  ? -0.415  -8.927  -15.941 1.00 24.71 ? 1  DA  A C4    1 
ATOM   19  P P     . DC  A 1 2  ? -2.186  -3.735  -17.956 1.00 50.53 ? 2  DC  A P     1 
ATOM   20  O OP1   . DC  A 1 2  ? -3.445  -3.200  -18.574 1.00 44.77 ? 2  DC  A OP1   1 
ATOM   21  O OP2   . DC  A 1 2  ? -1.310  -2.824  -17.180 1.00 58.98 ? 2  DC  A OP2   1 
ATOM   22  O "O5'" . DC  A 1 2  ? -2.599  -4.928  -16.996 1.00 49.13 ? 2  DC  A "O5'" 1 
ATOM   23  C "C5'" . DC  A 1 2  ? -3.756  -5.696  -17.300 1.00 54.08 ? 2  DC  A "C5'" 1 
ATOM   24  C "C4'" . DC  A 1 2  ? -4.703  -5.704  -16.124 1.00 52.00 ? 2  DC  A "C4'" 1 
ATOM   25  O "O4'" . DC  A 1 2  ? -4.213  -6.614  -15.116 1.00 50.71 ? 2  DC  A "O4'" 1 
ATOM   26  C "C3'" . DC  A 1 2  ? -4.931  -4.367  -15.428 1.00 48.69 ? 2  DC  A "C3'" 1 
ATOM   27  O "O3'" . DC  A 1 2  ? -6.316  -4.321  -15.091 1.00 53.11 ? 2  DC  A "O3'" 1 
ATOM   28  C "C2'" . DC  A 1 2  ? -4.031  -4.453  -14.205 1.00 46.55 ? 2  DC  A "C2'" 1 
ATOM   29  C "C1'" . DC  A 1 2  ? -3.965  -5.946  -13.891 1.00 44.72 ? 2  DC  A "C1'" 1 
ATOM   30  N N1    . DC  A 1 2  ? -2.662  -6.437  -13.421 1.00 40.39 ? 2  DC  A N1    1 
ATOM   31  C C2    . DC  A 1 2  ? -2.613  -7.640  -12.686 1.00 42.79 ? 2  DC  A C2    1 
ATOM   32  O O2    . DC  A 1 2  ? -3.682  -8.188  -12.333 1.00 44.04 ? 2  DC  A O2    1 
ATOM   33  N N3    . DC  A 1 2  ? -1.408  -8.173  -12.378 1.00 37.35 ? 2  DC  A N3    1 
ATOM   34  C C4    . DC  A 1 2  ? -0.289  -7.546  -12.750 1.00 38.84 ? 2  DC  A C4    1 
ATOM   35  N N4    . DC  A 1 2  ? 0.884   -8.142  -12.479 1.00 38.23 ? 2  DC  A N4    1 
ATOM   36  C C5    . DC  A 1 2  ? -0.317  -6.289  -13.428 1.00 37.52 ? 2  DC  A C5    1 
ATOM   37  C C6    . DC  A 1 2  ? -1.512  -5.777  -13.737 1.00 35.71 ? 2  DC  A C6    1 
ATOM   38  P P     . DC  A 1 3  ? -6.868  -3.230  -14.058 1.00 58.43 ? 3  DC  A P     1 
ATOM   39  O OP1   . DC  A 1 3  ? -8.304  -2.997  -14.397 1.00 57.03 ? 3  DC  A OP1   1 
ATOM   40  O OP2   . DC  A 1 3  ? -5.914  -2.084  -14.025 1.00 57.73 ? 3  DC  A OP2   1 
ATOM   41  O "O5'" . DC  A 1 3  ? -6.830  -4.003  -12.666 1.00 59.70 ? 3  DC  A "O5'" 1 
ATOM   42  C "C5'" . DC  A 1 3  ? -7.587  -5.215  -12.493 1.00 59.79 ? 3  DC  A "C5'" 1 
ATOM   43  C "C4'" . DC  A 1 3  ? -7.431  -5.756  -11.089 1.00 57.25 ? 3  DC  A "C4'" 1 
ATOM   44  O "O4'" . DC  A 1 3  ? -6.079  -6.224  -10.857 1.00 53.42 ? 3  DC  A "O4'" 1 
ATOM   45  C "C3'" . DC  A 1 3  ? -7.748  -4.783  -9.953  1.00 53.24 ? 3  DC  A "C3'" 1 
ATOM   46  O "O3'" . DC  A 1 3  ? -8.501  -5.473  -8.949  1.00 59.52 ? 3  DC  A "O3'" 1 
ATOM   47  C "C2'" . DC  A 1 3  ? -6.376  -4.386  -9.431  1.00 43.54 ? 3  DC  A "C2'" 1 
ATOM   48  C "C1'" . DC  A 1 3  ? -5.545  -5.636  -9.682  1.00 40.02 ? 3  DC  A "C1'" 1 
ATOM   49  N N1    . DC  A 1 3  ? -4.109  -5.421  -9.913  1.00 27.64 ? 3  DC  A N1    1 
ATOM   50  C C2    . DC  A 1 3  ? -3.187  -6.313  -9.353  1.00 25.42 ? 3  DC  A C2    1 
ATOM   51  O O2    . DC  A 1 3  ? -3.595  -7.235  -8.639  1.00 28.23 ? 3  DC  A O2    1 
ATOM   52  N N3    . DC  A 1 3  ? -1.876  -6.149  -9.601  1.00 19.08 ? 3  DC  A N3    1 
ATOM   53  C C4    . DC  A 1 3  ? -1.466  -5.141  -10.362 1.00 19.63 ? 3  DC  A C4    1 
ATOM   54  N N4    . DC  A 1 3  ? -0.160  -5.025  -10.598 1.00 24.41 ? 3  DC  A N4    1 
ATOM   55  C C5    . DC  A 1 3  ? -2.372  -4.209  -10.922 1.00 22.92 ? 3  DC  A C5    1 
ATOM   56  C C6    . DC  A 1 3  ? -3.677  -4.385  -10.677 1.00 24.70 ? 3  DC  A C6    1 
ATOM   57  P P     . DG  A 1 4  ? -9.459  -4.638  -7.965  1.00 67.22 ? 4  DG  A P     1 
ATOM   58  O OP1   . DG  A 1 4  ? -10.855 -5.158  -7.993  1.00 68.07 ? 4  DG  A OP1   1 
ATOM   59  O OP2   . DG  A 1 4  ? -9.202  -3.204  -8.277  1.00 70.60 ? 4  DG  A OP2   1 
ATOM   60  O "O5'" . DG  A 1 4  ? -8.877  -4.965  -6.519  1.00 63.29 ? 4  DG  A "O5'" 1 
ATOM   61  C "C5'" . DG  A 1 4  ? -8.900  -6.301  -5.989  1.00 50.89 ? 4  DG  A "C5'" 1 
ATOM   62  C "C4'" . DG  A 1 4  ? -8.000  -6.374  -4.778  1.00 47.21 ? 4  DG  A "C4'" 1 
ATOM   63  O "O4'" . DG  A 1 4  ? -6.615  -6.306  -5.197  1.00 41.72 ? 4  DG  A "O4'" 1 
ATOM   64  C "C3'" . DG  A 1 4  ? -8.213  -5.221  -3.794  1.00 41.63 ? 4  DG  A "C3'" 1 
ATOM   65  O "O3'" . DG  A 1 4  ? -7.945  -5.675  -2.477  1.00 52.20 ? 4  DG  A "O3'" 1 
ATOM   66  C "C2'" . DG  A 1 4  ? -7.088  -4.267  -4.142  1.00 37.25 ? 4  DG  A "C2'" 1 
ATOM   67  C "C1'" . DG  A 1 4  ? -5.978  -5.239  -4.530  1.00 33.39 ? 4  DG  A "C1'" 1 
ATOM   68  N N9    . DG  A 1 4  ? -4.963  -4.677  -5.412  1.00 22.88 ? 4  DG  A N9    1 
ATOM   69  C C8    . DG  A 1 4  ? -5.102  -3.585  -6.236  1.00 21.97 ? 4  DG  A C8    1 
ATOM   70  N N7    . DG  A 1 4  ? -3.990  -3.249  -6.831  1.00 18.73 ? 4  DG  A N7    1 
ATOM   71  C C5    . DG  A 1 4  ? -3.067  -4.187  -6.390  1.00 11.89 ? 4  DG  A C5    1 
ATOM   72  C C6    . DG  A 1 4  ? -1.688  -4.299  -6.664  1.00 15.08 ? 4  DG  A C6    1 
ATOM   73  O O6    . DG  A 1 4  ? -0.986  -3.560  -7.357  1.00 13.68 ? 4  DG  A O6    1 
ATOM   74  N N1    . DG  A 1 4  ? -1.119  -5.395  -6.012  1.00 8.75  ? 4  DG  A N1    1 
ATOM   75  C C2    . DG  A 1 4  ? -1.797  -6.255  -5.187  1.00 13.20 ? 4  DG  A C2    1 
ATOM   76  N N2    . DG  A 1 4  ? -1.072  -7.243  -4.651  1.00 9.91  ? 4  DG  A N2    1 
ATOM   77  N N3    . DG  A 1 4  ? -3.095  -6.148  -4.906  1.00 12.98 ? 4  DG  A N3    1 
ATOM   78  C C4    . DG  A 1 4  ? -3.658  -5.095  -5.539  1.00 13.00 ? 4  DG  A C4    1 
ATOM   79  P P     . DC  A 1 5  ? -9.064  -6.475  -1.655  1.00 67.42 ? 5  DC  A P     1 
ATOM   80  O OP1   . DC  A 1 5  ? -9.868  -7.255  -2.625  1.00 70.99 ? 5  DC  A OP1   1 
ATOM   81  O OP2   . DC  A 1 5  ? -9.750  -5.533  -0.728  1.00 69.16 ? 5  DC  A OP2   1 
ATOM   82  O "O5'" . DC  A 1 5  ? -8.194  -7.496  -0.792  1.00 64.35 ? 5  DC  A "O5'" 1 
ATOM   83  C "C5'" . DC  A 1 5  ? -7.275  -7.019  0.221   1.00 61.11 ? 5  DC  A "C5'" 1 
ATOM   84  C "C4'" . DC  A 1 5  ? -5.841  -7.259  -0.201  1.00 55.16 ? 5  DC  A "C4'" 1 
ATOM   85  O "O4'" . DC  A 1 5  ? -5.483  -6.394  -1.296  1.00 50.89 ? 5  DC  A "O4'" 1 
ATOM   86  C "C3'" . DC  A 1 5  ? -4.815  -6.952  0.886   1.00 53.69 ? 5  DC  A "C3'" 1 
ATOM   87  O "O3'" . DC  A 1 5  ? -4.586  -8.151  1.642   1.00 51.32 ? 5  DC  A "O3'" 1 
ATOM   88  C "C2'" . DC  A 1 5  ? -3.562  -6.596  0.101   1.00 48.93 ? 5  DC  A "C2'" 1 
ATOM   89  C "C1'" . DC  A 1 5  ? -4.071  -6.218  -1.286  1.00 47.15 ? 5  DC  A "C1'" 1 
ATOM   90  N N1    . DC  A 1 5  ? -3.753  -4.891  -1.851  1.00 43.07 ? 5  DC  A N1    1 
ATOM   91  C C2    . DC  A 1 5  ? -2.406  -4.512  -2.007  1.00 41.33 ? 5  DC  A C2    1 
ATOM   92  O O2    . DC  A 1 5  ? -1.513  -5.219  -1.524  1.00 42.37 ? 5  DC  A O2    1 
ATOM   93  N N3    . DC  A 1 5  ? -2.119  -3.379  -2.671  1.00 39.66 ? 5  DC  A N3    1 
ATOM   94  C C4    . DC  A 1 5  ? -3.104  -2.613  -3.143  1.00 45.72 ? 5  DC  A C4    1 
ATOM   95  N N4    . DC  A 1 5  ? -2.772  -1.523  -3.847  1.00 49.56 ? 5  DC  A N4    1 
ATOM   96  C C5    . DC  A 1 5  ? -4.476  -2.932  -2.928  1.00 43.15 ? 5  DC  A C5    1 
ATOM   97  C C6    . DC  A 1 5  ? -4.750  -4.065  -2.279  1.00 44.35 ? 5  DC  A C6    1 
HETATM 98  N N1    . 5CM A 1 6  ? -1.509  -3.531  1.930   1.00 25.93 ? 6  5CM A N1    1 
HETATM 99  C C2    . 5CM A 1 6  ? -0.591  -2.932  1.083   1.00 23.21 ? 6  5CM A C2    1 
HETATM 100 N N3    . 5CM A 1 6  ? -0.974  -1.900  0.300   1.00 15.68 ? 6  5CM A N3    1 
HETATM 101 C C4    . 5CM A 1 6  ? -2.226  -1.468  0.325   1.00 9.57  ? 6  5CM A C4    1 
HETATM 102 C C5    . 5CM A 1 6  ? -3.188  -2.095  1.181   1.00 16.81 ? 6  5CM A C5    1 
HETATM 103 C C5A   . 5CM A 1 6  ? -4.614  -1.650  1.203   1.00 18.36 ? 6  5CM A C5A   1 
HETATM 104 C C6    . 5CM A 1 6  ? -2.800  -3.097  1.963   1.00 23.04 ? 6  5CM A C6    1 
HETATM 105 O O2    . 5CM A 1 6  ? 0.563   -3.362  1.062   1.00 26.78 ? 6  5CM A O2    1 
HETATM 106 N N4    . 5CM A 1 6  ? -2.541  -0.432  -0.428  1.00 17.97 ? 6  5CM A N4    1 
HETATM 107 C "C1'" . 5CM A 1 6  ? -1.066  -4.634  2.792   1.00 34.51 ? 6  5CM A "C1'" 1 
HETATM 108 C "C2'" . 5CM A 1 6  ? -1.318  -4.357  4.266   1.00 41.54 ? 6  5CM A "C2'" 1 
HETATM 109 C "C3'" . 5CM A 1 6  ? -1.721  -5.706  4.835   1.00 44.60 ? 6  5CM A "C3'" 1 
HETATM 110 C "C4'" . 5CM A 1 6  ? -2.343  -6.420  3.643   1.00 41.40 ? 6  5CM A "C4'" 1 
HETATM 111 O "O4'" . 5CM A 1 6  ? -1.843  -5.769  2.456   1.00 39.61 ? 6  5CM A "O4'" 1 
HETATM 112 O "O3'" . 5CM A 1 6  ? -0.600  -6.429  5.337   1.00 45.40 ? 6  5CM A "O3'" 1 
HETATM 113 C "C5'" . 5CM A 1 6  ? -3.842  -6.319  3.654   1.00 43.14 ? 6  5CM A "C5'" 1 
HETATM 114 O "O5'" . 5CM A 1 6  ? -4.393  -7.550  4.065   1.00 44.35 ? 6  5CM A "O5'" 1 
HETATM 115 P P     . 5CM A 1 6  ? -5.313  -8.354  3.059   1.00 50.44 ? 6  5CM A P     1 
HETATM 116 O OP1   . 5CM A 1 6  ? -5.242  -9.803  3.394   1.00 50.50 ? 6  5CM A OP1   1 
HETATM 117 O OP2   . 5CM A 1 6  ? -6.629  -7.655  3.035   1.00 48.90 ? 6  5CM A OP2   1 
ATOM   118 P P     . DG  A 1 7  ? -0.165  -6.242  6.869   1.00 48.19 ? 7  DG  A P     1 
ATOM   119 O OP1   . DG  A 1 7  ? 0.186   -7.592  7.354   1.00 56.18 ? 7  DG  A OP1   1 
ATOM   120 O OP2   . DG  A 1 7  ? -1.156  -5.424  7.611   1.00 46.61 ? 7  DG  A OP2   1 
ATOM   121 O "O5'" . DG  A 1 7  ? 1.172   -5.404  6.761   1.00 44.83 ? 7  DG  A "O5'" 1 
ATOM   122 C "C5'" . DG  A 1 7  ? 2.207   -5.828  5.868   1.00 40.86 ? 7  DG  A "C5'" 1 
ATOM   123 C "C4'" . DG  A 1 7  ? 3.213   -4.716  5.690   1.00 45.25 ? 7  DG  A "C4'" 1 
ATOM   124 O "O4'" . DG  A 1 7  ? 2.683   -3.695  4.807   1.00 41.48 ? 7  DG  A "O4'" 1 
ATOM   125 C "C3'" . DG  A 1 7  ? 3.618   -4.003  6.981   1.00 41.63 ? 7  DG  A "C3'" 1 
ATOM   126 O "O3'" . DG  A 1 7  ? 5.028   -3.772  6.940   1.00 44.17 ? 7  DG  A "O3'" 1 
ATOM   127 C "C2'" . DG  A 1 7  ? 2.815   -2.710  6.936   1.00 33.81 ? 7  DG  A "C2'" 1 
ATOM   128 C "C1'" . DG  A 1 7  ? 2.686   -2.425  5.444   1.00 30.62 ? 7  DG  A "C1'" 1 
ATOM   129 N N9    . DG  A 1 7  ? 1.467   -1.744  5.029   1.00 26.27 ? 7  DG  A N9    1 
ATOM   130 C C8    . DG  A 1 7  ? 0.219   -1.869  5.587   1.00 26.32 ? 7  DG  A C8    1 
ATOM   131 N N7    . DG  A 1 7  ? -0.694  -1.175  4.958   1.00 25.65 ? 7  DG  A N7    1 
ATOM   132 C C5    . DG  A 1 7  ? -0.001  -0.549  3.928   1.00 20.86 ? 7  DG  A C5    1 
ATOM   133 C C6    . DG  A 1 7  ? -0.463  0.321   2.910   1.00 16.53 ? 7  DG  A C6    1 
ATOM   134 O O6    . DG  A 1 7  ? -1.614  0.690   2.681   1.00 19.73 ? 7  DG  A O6    1 
ATOM   135 N N1    . DG  A 1 7  ? 0.570   0.753   2.096   1.00 5.89  ? 7  DG  A N1    1 
ATOM   136 C C2    . DG  A 1 7  ? 1.875   0.378   2.221   1.00 13.75 ? 7  DG  A C2    1 
ATOM   137 N N2    . DG  A 1 7  ? 2.725   0.924   1.344   1.00 10.67 ? 7  DG  A N2    1 
ATOM   138 N N3    . DG  A 1 7  ? 2.321   -0.465  3.145   1.00 21.75 ? 7  DG  A N3    1 
ATOM   139 C C4    . DG  A 1 7  ? 1.334   -0.878  3.966   1.00 23.40 ? 7  DG  A C4    1 
ATOM   140 P P     . DG  A 1 8  ? 5.745   -2.956  8.115   1.00 53.40 ? 8  DG  A P     1 
ATOM   141 O OP1   . DG  A 1 8  ? 7.078   -3.576  8.284   1.00 54.24 ? 8  DG  A OP1   1 
ATOM   142 O OP2   . DG  A 1 8  ? 4.836   -2.808  9.287   1.00 53.54 ? 8  DG  A OP2   1 
ATOM   143 O "O5'" . DG  A 1 8  ? 5.980   -1.523  7.479   1.00 50.69 ? 8  DG  A "O5'" 1 
ATOM   144 C "C5'" . DG  A 1 8  ? 6.748   -1.406  6.284   1.00 48.24 ? 8  DG  A "C5'" 1 
ATOM   145 C "C4'" . DG  A 1 8  ? 7.038   0.044   5.982   1.00 46.78 ? 8  DG  A "C4'" 1 
ATOM   146 O "O4'" . DG  A 1 8  ? 5.900   0.710   5.382   1.00 42.47 ? 8  DG  A "O4'" 1 
ATOM   147 C "C3'" . DG  A 1 8  ? 7.453   0.886   7.178   1.00 42.95 ? 8  DG  A "C3'" 1 
ATOM   148 O "O3'" . DG  A 1 8  ? 8.555   1.673   6.755   1.00 47.84 ? 8  DG  A "O3'" 1 
ATOM   149 C "C2'" . DG  A 1 8  ? 6.211   1.709   7.479   1.00 38.43 ? 8  DG  A "C2'" 1 
ATOM   150 C "C1'" . DG  A 1 8  ? 5.536   1.861   6.121   1.00 36.20 ? 8  DG  A "C1'" 1 
ATOM   151 N N9    . DG  A 1 8  ? 4.075   1.886   6.179   1.00 29.59 ? 8  DG  A N9    1 
ATOM   152 C C8    . DG  A 1 8  ? 3.296   1.125   7.007   1.00 28.36 ? 8  DG  A C8    1 
ATOM   153 N N7    . DG  A 1 8  ? 2.016   1.324   6.835   1.00 30.31 ? 8  DG  A N7    1 
ATOM   154 C C5    . DG  A 1 8  ? 1.944   2.282   5.834   1.00 24.94 ? 8  DG  A C5    1 
ATOM   155 C C6    . DG  A 1 8  ? 0.813   2.882   5.232   1.00 27.60 ? 8  DG  A C6    1 
ATOM   156 O O6    . DG  A 1 8  ? -0.393  2.695   5.485   1.00 36.32 ? 8  DG  A O6    1 
ATOM   157 N N1    . DG  A 1 8  ? 1.177   3.788   4.248   1.00 18.86 ? 8  DG  A N1    1 
ATOM   158 C C2    . DG  A 1 8  ? 2.456   4.085   3.890   1.00 21.30 ? 8  DG  A C2    1 
ATOM   159 N N2    . DG  A 1 8  ? 2.570   4.989   2.888   1.00 19.16 ? 8  DG  A N2    1 
ATOM   160 N N3    . DG  A 1 8  ? 3.534   3.542   4.456   1.00 22.46 ? 8  DG  A N3    1 
ATOM   161 C C4    . DG  A 1 8  ? 3.200   2.648   5.414   1.00 23.71 ? 8  DG  A C4    1 
ATOM   162 P P     . DC  A 1 9  ? 9.030   2.918   7.623   1.00 55.06 ? 9  DC  A P     1 
ATOM   163 O OP1   . DC  A 1 9  ? 10.503  3.004   7.409   1.00 47.88 ? 9  DC  A OP1   1 
ATOM   164 O OP2   . DC  A 1 9  ? 8.484   2.809   9.000   1.00 57.89 ? 9  DC  A OP2   1 
ATOM   165 O "O5'" . DC  A 1 9  ? 8.312   4.135   6.893   1.00 48.32 ? 9  DC  A "O5'" 1 
ATOM   166 C "C5'" . DC  A 1 9  ? 8.625   4.430   5.527   1.00 45.01 ? 9  DC  A "C5'" 1 
ATOM   167 C "C4'" . DC  A 1 9  ? 8.051   5.768   5.143   1.00 44.31 ? 9  DC  A "C4'" 1 
ATOM   168 O "O4'" . DC  A 1 9  ? 6.613   5.654   5.130   1.00 43.24 ? 9  DC  A "O4'" 1 
ATOM   169 C "C3'" . DC  A 1 9  ? 8.383   6.879   6.136   1.00 47.14 ? 9  DC  A "C3'" 1 
ATOM   170 O "O3'" . DC  A 1 9  ? 8.585   8.125   5.458   1.00 54.73 ? 9  DC  A "O3'" 1 
ATOM   171 C "C2'" . DC  A 1 9  ? 7.136   6.963   6.994   1.00 43.61 ? 9  DC  A "C2'" 1 
ATOM   172 C "C1'" . DC  A 1 9  ? 6.038   6.591   6.020   1.00 36.35 ? 9  DC  A "C1'" 1 
ATOM   173 N N1    . DC  A 1 9  ? 4.876   5.957   6.637   1.00 29.48 ? 9  DC  A N1    1 
ATOM   174 C C2    . DC  A 1 9  ? 3.603   6.386   6.258   1.00 31.21 ? 9  DC  A C2    1 
ATOM   175 O O2    . DC  A 1 9  ? 3.507   7.310   5.418   1.00 29.81 ? 9  DC  A O2    1 
ATOM   176 N N3    . DC  A 1 9  ? 2.513   5.794   6.814   1.00 21.83 ? 9  DC  A N3    1 
ATOM   177 C C4    . DC  A 1 9  ? 2.673   4.830   7.719   1.00 25.31 ? 9  DC  A C4    1 
ATOM   178 N N4    . DC  A 1 9  ? 1.590   4.303   8.269   1.00 26.84 ? 9  DC  A N4    1 
ATOM   179 C C5    . DC  A 1 9  ? 3.963   4.371   8.115   1.00 25.94 ? 9  DC  A C5    1 
ATOM   180 C C6    . DC  A 1 9  ? 5.027   4.959   7.558   1.00 27.14 ? 9  DC  A C6    1 
ATOM   181 P P     . DG  A 1 10 ? 9.239   9.352   6.254   1.00 59.36 ? 10 DG  A P     1 
ATOM   182 O OP1   . DG  A 1 10 ? 10.570  8.856   6.694   1.00 59.70 ? 10 DG  A OP1   1 
ATOM   183 O OP2   . DG  A 1 10 ? 8.269   9.876   7.258   1.00 54.45 ? 10 DG  A OP2   1 
ATOM   184 O "O5'" . DG  A 1 10 ? 9.476   10.477  5.158   1.00 51.23 ? 10 DG  A "O5'" 1 
ATOM   185 C "C5'" . DG  A 1 10 ? 8.555   10.662  4.095   1.00 48.99 ? 10 DG  A "C5'" 1 
ATOM   186 C "C4'" . DG  A 1 10 ? 7.305   11.331  4.610   1.00 49.71 ? 10 DG  A "C4'" 1 
ATOM   187 O "O4'" . DG  A 1 10 ? 6.555   10.442  5.448   1.00 46.48 ? 10 DG  A "O4'" 1 
ATOM   188 C "C3'" . DG  A 1 10 ? 7.501   12.593  5.444   1.00 48.77 ? 10 DG  A "C3'" 1 
ATOM   189 O "O3'" . DG  A 1 10 ? 7.564   13.689  4.506   1.00 52.28 ? 10 DG  A "O3'" 1 
ATOM   190 C "C2'" . DG  A 1 10 ? 6.268   12.611  6.344   1.00 45.12 ? 10 DG  A "C2'" 1 
ATOM   191 C "C1'" . DG  A 1 10 ? 5.603   11.246  6.114   1.00 42.88 ? 10 DG  A "C1'" 1 
ATOM   192 N N9    . DG  A 1 10 ? 5.118   10.486  7.261   1.00 39.90 ? 10 DG  A N9    1 
ATOM   193 C C8    . DG  A 1 10 ? 5.871   9.818   8.195   1.00 33.07 ? 10 DG  A C8    1 
ATOM   194 N N7    . DG  A 1 10 ? 5.147   9.124   9.030   1.00 31.21 ? 10 DG  A N7    1 
ATOM   195 C C5    . DG  A 1 10 ? 3.840   9.370   8.640   1.00 25.43 ? 10 DG  A C5    1 
ATOM   196 C C6    . DG  A 1 10 ? 2.641   8.875   9.160   1.00 29.20 ? 10 DG  A C6    1 
ATOM   197 O O6    . DG  A 1 10 ? 2.488   8.061   10.080  1.00 36.93 ? 10 DG  A O6    1 
ATOM   198 N N1    . DG  A 1 10 ? 1.534   9.400   8.498   1.00 26.29 ? 10 DG  A N1    1 
ATOM   199 C C2    . DG  A 1 10 ? 1.592   10.286  7.451   1.00 29.23 ? 10 DG  A C2    1 
ATOM   200 N N2    . DG  A 1 10 ? 0.416   10.718  6.964   1.00 20.70 ? 10 DG  A N2    1 
ATOM   201 N N3    . DG  A 1 10 ? 2.725   10.728  6.927   1.00 30.04 ? 10 DG  A N3    1 
ATOM   202 C C4    . DG  A 1 10 ? 3.801   10.234  7.574   1.00 31.52 ? 10 DG  A C4    1 
ATOM   203 P P     . DC  A 1 11 ? 7.124   15.173  4.944   1.00 56.21 ? 11 DC  A P     1 
ATOM   204 O OP1   . DC  A 1 11 ? 6.923   15.966  3.694   1.00 52.59 ? 11 DC  A OP1   1 
ATOM   205 O OP2   . DC  A 1 11 ? 8.103   15.643  5.971   1.00 54.75 ? 11 DC  A OP2   1 
ATOM   206 O "O5'" . DC  A 1 11 ? 5.680   15.005  5.601   1.00 49.31 ? 11 DC  A "O5'" 1 
ATOM   207 C "C5'" . DC  A 1 11 ? 5.204   15.959  6.559   1.00 49.43 ? 11 DC  A "C5'" 1 
ATOM   208 C "C4'" . DC  A 1 11 ? 3.697   15.920  6.637   1.00 50.85 ? 11 DC  A "C4'" 1 
ATOM   209 O "O4'" . DC  A 1 11 ? 3.271   14.630  7.146   1.00 56.46 ? 11 DC  A "O4'" 1 
ATOM   210 C "C3'" . DC  A 1 11 ? 3.111   16.960  7.589   1.00 49.94 ? 11 DC  A "C3'" 1 
ATOM   211 O "O3'" . DC  A 1 11 ? 1.937   17.532  7.041   1.00 43.99 ? 11 DC  A "O3'" 1 
ATOM   212 C "C2'" . DC  A 1 11 ? 2.766   16.174  8.840   1.00 52.61 ? 11 DC  A "C2'" 1 
ATOM   213 C "C1'" . DC  A 1 11 ? 2.458   14.784  8.312   1.00 50.45 ? 11 DC  A "C1'" 1 
ATOM   214 N N1    . DC  A 1 11 ? 2.818   13.711  9.259   1.00 41.15 ? 11 DC  A N1    1 
ATOM   215 C C2    . DC  A 1 11 ? 1.802   12.949  9.875   1.00 36.19 ? 11 DC  A C2    1 
ATOM   216 O O2    . DC  A 1 11 ? 0.613   13.186  9.606   1.00 32.51 ? 11 DC  A O2    1 
ATOM   217 N N3    . DC  A 1 11 ? 2.150   11.978  10.746  1.00 33.61 ? 11 DC  A N3    1 
ATOM   218 C C4    . DC  A 1 11 ? 3.442   11.758  11.019  1.00 38.52 ? 11 DC  A C4    1 
ATOM   219 N N4    . DC  A 1 11 ? 3.747   10.812  11.909  1.00 40.27 ? 11 DC  A N4    1 
ATOM   220 C C5    . DC  A 1 11 ? 4.483   12.504  10.402  1.00 37.15 ? 11 DC  A C5    1 
ATOM   221 C C6    . DC  A 1 11 ? 4.131   13.462  9.539   1.00 37.97 ? 11 DC  A C6    1 
ATOM   222 P P     . DC  A 1 12 ? 1.635   19.072  7.304   1.00 42.66 ? 12 DC  A P     1 
ATOM   223 O OP1   . DC  A 1 12 ? 0.762   19.622  6.229   1.00 46.90 ? 12 DC  A OP1   1 
ATOM   224 O OP2   . DC  A 1 12 ? 2.957   19.687  7.559   1.00 39.68 ? 12 DC  A OP2   1 
ATOM   225 O "O5'" . DC  A 1 12 ? 0.749   19.033  8.623   1.00 42.94 ? 12 DC  A "O5'" 1 
ATOM   226 C "C5'" . DC  A 1 12 ? -0.639  18.675  8.534   1.00 39.64 ? 12 DC  A "C5'" 1 
ATOM   227 C "C4'" . DC  A 1 12 ? -1.077  17.910  9.762   1.00 38.93 ? 12 DC  A "C4'" 1 
ATOM   228 O "O4'" . DC  A 1 12 ? -0.125  16.883  10.101  1.00 40.22 ? 12 DC  A "O4'" 1 
ATOM   229 C "C3'" . DC  A 1 12 ? -1.242  18.687  11.063  1.00 33.40 ? 12 DC  A "C3'" 1 
ATOM   230 O "O3'" . DC  A 1 12 ? -2.463  19.435  11.007  1.00 25.47 ? 12 DC  A "O3'" 1 
ATOM   231 C "C2'" . DC  A 1 12 ? -1.167  17.589  12.118  1.00 35.40 ? 12 DC  A "C2'" 1 
ATOM   232 C "C1'" . DC  A 1 12 ? -0.566  16.395  11.364  1.00 34.20 ? 12 DC  A "C1'" 1 
ATOM   233 N N1    . DC  A 1 12 ? 0.533   15.656  11.999  1.00 23.58 ? 12 DC  A N1    1 
ATOM   234 C C2    . DC  A 1 12 ? 0.213   14.618  12.873  1.00 24.59 ? 12 DC  A C2    1 
ATOM   235 O O2    . DC  A 1 12 ? -0.976  14.374  13.087  1.00 28.78 ? 12 DC  A O2    1 
ATOM   236 N N3    . DC  A 1 12 ? 1.200   13.908  13.454  1.00 20.10 ? 12 DC  A N3    1 
ATOM   237 C C4    . DC  A 1 12 ? 2.475   14.209  13.184  1.00 25.01 ? 12 DC  A C4    1 
ATOM   238 N N4    . DC  A 1 12 ? 3.434   13.493  13.772  1.00 22.06 ? 12 DC  A N4    1 
ATOM   239 C C5    . DC  A 1 12 ? 2.826   15.266  12.295  1.00 21.18 ? 12 DC  A C5    1 
ATOM   240 C C6    . DC  A 1 12 ? 1.833   15.958  11.735  1.00 20.71 ? 12 DC  A C6    1 
ATOM   241 O "O5'" . DG  B 2 1  ? 1.198   6.227   20.062  1.00 63.03 ? 13 DG  B "O5'" 1 
ATOM   242 C "C5'" . DG  B 2 1  ? 0.035   6.582   20.821  1.00 60.09 ? 13 DG  B "C5'" 1 
ATOM   243 C "C4'" . DG  B 2 1  ? -1.134  7.111   20.016  1.00 59.43 ? 13 DG  B "C4'" 1 
ATOM   244 O "O4'" . DG  B 2 1  ? -0.769  8.334   19.327  1.00 56.80 ? 13 DG  B "O4'" 1 
ATOM   245 C "C3'" . DG  B 2 1  ? -1.688  6.170   18.944  1.00 58.32 ? 13 DG  B "C3'" 1 
ATOM   246 O "O3'" . DG  B 2 1  ? -3.111  6.274   18.928  1.00 62.03 ? 13 DG  B "O3'" 1 
ATOM   247 C "C2'" . DG  B 2 1  ? -1.119  6.723   17.648  1.00 53.26 ? 13 DG  B "C2'" 1 
ATOM   248 C "C1'" . DG  B 2 1  ? -0.966  8.212   17.920  1.00 48.09 ? 13 DG  B "C1'" 1 
ATOM   249 N N9    . DG  B 2 1  ? 0.222   8.754   17.273  1.00 37.57 ? 13 DG  B N9    1 
ATOM   250 C C8    . DG  B 2 1  ? 1.492   8.254   17.396  1.00 40.17 ? 13 DG  B C8    1 
ATOM   251 N N7    . DG  B 2 1  ? 2.379   8.933   16.722  1.00 39.64 ? 13 DG  B N7    1 
ATOM   252 C C5    . DG  B 2 1  ? 1.652   9.944   16.113  1.00 28.50 ? 13 DG  B C5    1 
ATOM   253 C C6    . DG  B 2 1  ? 2.084   10.972  15.263  1.00 26.13 ? 13 DG  B C6    1 
ATOM   254 O O6    . DG  B 2 1  ? 3.225   11.216  14.887  1.00 33.81 ? 13 DG  B O6    1 
ATOM   255 N N1    . DG  B 2 1  ? 1.035   11.768  14.843  1.00 17.34 ? 13 DG  B N1    1 
ATOM   256 C C2    . DG  B 2 1  ? -0.268  11.596  15.209  1.00 28.42 ? 13 DG  B C2    1 
ATOM   257 N N2    . DG  B 2 1  ? -1.128  12.465  14.673  1.00 29.59 ? 13 DG  B N2    1 
ATOM   258 N N3    . DG  B 2 1  ? -0.696  10.639  16.031  1.00 29.82 ? 13 DG  B N3    1 
ATOM   259 C C4    . DG  B 2 1  ? 0.316   9.850   16.437  1.00 32.13 ? 13 DG  B C4    1 
ATOM   260 P P     . DG  B 2 2  ? -3.971  5.352   17.937  1.00 64.15 ? 14 DG  B P     1 
ATOM   261 O OP1   . DG  B 2 2  ? -5.256  5.078   18.665  1.00 57.62 ? 14 DG  B OP1   1 
ATOM   262 O OP2   . DG  B 2 2  ? -3.125  4.216   17.456  1.00 62.45 ? 14 DG  B OP2   1 
ATOM   263 O "O5'" . DG  B 2 2  ? -4.276  6.314   16.701  1.00 61.77 ? 14 DG  B "O5'" 1 
ATOM   264 C "C5'" . DG  B 2 2  ? -5.210  7.404   16.839  1.00 60.19 ? 14 DG  B "C5'" 1 
ATOM   265 C "C4'" . DG  B 2 2  ? -5.477  8.064   15.503  1.00 57.99 ? 14 DG  B "C4'" 1 
ATOM   266 O "O4'" . DG  B 2 2  ? -4.319  8.769   14.992  1.00 60.85 ? 14 DG  B "O4'" 1 
ATOM   267 C "C3'" . DG  B 2 2  ? -5.933  7.149   14.377  1.00 57.10 ? 14 DG  B "C3'" 1 
ATOM   268 O "O3'" . DG  B 2 2  ? -6.962  7.842   13.688  1.00 61.80 ? 14 DG  B "O3'" 1 
ATOM   269 C "C2'" . DG  B 2 2  ? -4.702  7.006   13.492  1.00 46.84 ? 14 DG  B "C2'" 1 
ATOM   270 C "C1'" . DG  B 2 2  ? -4.019  8.352   13.662  1.00 49.74 ? 14 DG  B "C1'" 1 
ATOM   271 N N9    . DG  B 2 2  ? -2.564  8.332   13.527  1.00 43.34 ? 14 DG  B N9    1 
ATOM   272 C C8    . DG  B 2 2  ? -1.695  7.442   14.116  1.00 42.21 ? 14 DG  B C8    1 
ATOM   273 N N7    . DG  B 2 2  ? -0.441  7.691   13.843  1.00 36.27 ? 14 DG  B N7    1 
ATOM   274 C C5    . DG  B 2 2  ? -0.482  8.810   13.022  1.00 30.15 ? 14 DG  B C5    1 
ATOM   275 C C6    . DG  B 2 2  ? 0.565   9.531   12.434  1.00 26.34 ? 14 DG  B C6    1 
ATOM   276 O O6    . DG  B 2 2  ? 1.764   9.335   12.529  1.00 31.26 ? 14 DG  B O6    1 
ATOM   277 N N1    . DG  B 2 2  ? 0.100   10.587  11.673  1.00 24.87 ? 14 DG  B N1    1 
ATOM   278 C C2    . DG  B 2 2  ? -1.220  10.916  11.511  1.00 35.55 ? 14 DG  B C2    1 
ATOM   279 N N2    . DG  B 2 2  ? -1.461  11.991  10.742  1.00 40.73 ? 14 DG  B N2    1 
ATOM   280 N N3    . DG  B 2 2  ? -2.226  10.249  12.066  1.00 31.23 ? 14 DG  B N3    1 
ATOM   281 C C4    . DG  B 2 2  ? -1.784  9.213   12.806  1.00 33.81 ? 14 DG  B C4    1 
ATOM   282 P P     . DC  B 2 3  ? -7.608  7.196   12.380  1.00 67.30 ? 15 DC  B P     1 
ATOM   283 O OP1   . DC  B 2 3  ? -9.038  7.643   12.320  1.00 67.25 ? 15 DC  B OP1   1 
ATOM   284 O OP2   . DC  B 2 3  ? -7.286  5.738   12.370  1.00 67.09 ? 15 DC  B OP2   1 
ATOM   285 O "O5'" . DC  B 2 3  ? -6.792  7.895   11.207  1.00 60.49 ? 15 DC  B "O5'" 1 
ATOM   286 C "C5'" . DC  B 2 3  ? -7.016  9.267   10.874  1.00 48.42 ? 15 DC  B "C5'" 1 
ATOM   287 C "C4'" . DC  B 2 3  ? -6.388  9.563   9.536   1.00 46.84 ? 15 DC  B "C4'" 1 
ATOM   288 O "O4'" . DC  B 2 3  ? -4.947  9.438   9.611   1.00 45.82 ? 15 DC  B "O4'" 1 
ATOM   289 C "C3'" . DC  B 2 3  ? -6.826  8.614   8.422   1.00 41.71 ? 15 DC  B "C3'" 1 
ATOM   290 O "O3'" . DC  B 2 3  ? -6.751  9.372   7.223   1.00 45.97 ? 15 DC  B "O3'" 1 
ATOM   291 C "C2'" . DC  B 2 3  ? -5.684  7.619   8.349   1.00 37.25 ? 15 DC  B "C2'" 1 
ATOM   292 C "C1'" . DC  B 2 3  ? -4.516  8.539   8.606   1.00 32.13 ? 15 DC  B "C1'" 1 
ATOM   293 N N1    . DC  B 2 3  ? -3.246  7.947   9.030   1.00 26.41 ? 15 DC  B N1    1 
ATOM   294 C C2    . DC  B 2 3  ? -2.082  8.605   8.660   1.00 22.42 ? 15 DC  B C2    1 
ATOM   295 O O2    . DC  B 2 3  ? -2.177  9.617   7.962   1.00 24.75 ? 15 DC  B O2    1 
ATOM   296 N N3    . DC  B 2 3  ? -0.888  8.124   9.052   1.00 18.26 ? 15 DC  B N3    1 
ATOM   297 C C4    . DC  B 2 3  ? -0.833  7.001   9.758   1.00 23.94 ? 15 DC  B C4    1 
ATOM   298 N N4    . DC  B 2 3  ? 0.372   6.537   10.081  1.00 28.87 ? 15 DC  B N4    1 
ATOM   299 C C5    . DC  B 2 3  ? -2.014  6.294   10.150  1.00 19.45 ? 15 DC  B C5    1 
ATOM   300 C C6    . DC  B 2 3  ? -3.190  6.800   9.768   1.00 17.65 ? 15 DC  B C6    1 
ATOM   301 P P     . DG  B 2 4  ? -7.956  9.362   6.177   1.00 49.40 ? 16 DG  B P     1 
ATOM   302 O OP1   . DG  B 2 4  ? -8.836  10.505  6.542   1.00 48.52 ? 16 DG  B OP1   1 
ATOM   303 O OP2   . DG  B 2 4  ? -8.542  7.990   6.086   1.00 51.40 ? 16 DG  B OP2   1 
ATOM   304 O "O5'" . DG  B 2 4  ? -7.175  9.698   4.826   1.00 40.41 ? 16 DG  B "O5'" 1 
ATOM   305 C "C5'" . DG  B 2 4  ? -6.358  10.880  4.725   1.00 31.29 ? 16 DG  B "C5'" 1 
ATOM   306 C "C4'" . DG  B 2 4  ? -5.207  10.648  3.773   1.00 33.24 ? 16 DG  B "C4'" 1 
ATOM   307 O "O4'" . DG  B 2 4  ? -4.046  10.043  4.408   1.00 32.09 ? 16 DG  B "O4'" 1 
ATOM   308 C "C3'" . DG  B 2 4  ? -5.528  9.776   2.565   1.00 33.45 ? 16 DG  B "C3'" 1 
ATOM   309 O "O3'" . DG  B 2 4  ? -4.758  10.280  1.486   1.00 41.11 ? 16 DG  B "O3'" 1 
ATOM   310 C "C2'" . DG  B 2 4  ? -4.877  8.453   2.930   1.00 33.40 ? 16 DG  B "C2'" 1 
ATOM   311 C "C1'" . DG  B 2 4  ? -3.619  8.925   3.641   1.00 23.20 ? 16 DG  B "C1'" 1 
ATOM   312 N N9    . DG  B 2 4  ? -3.002  7.950   4.537   1.00 16.58 ? 16 DG  B N9    1 
ATOM   313 C C8    . DG  B 2 4  ? -3.659  7.030   5.314   1.00 18.74 ? 16 DG  B C8    1 
ATOM   314 N N7    . DG  B 2 4  ? -2.851  6.302   6.043   1.00 19.77 ? 16 DG  B N7    1 
ATOM   315 C C5    . DG  B 2 4  ? -1.581  6.759   5.722   1.00 8.74  ? 16 DG  B C5    1 
ATOM   316 C C6    . DG  B 2 4  ? -0.305  6.337   6.197   1.00 12.50 ? 16 DG  B C6    1 
ATOM   317 O O6    . DG  B 2 4  ? -0.035  5.458   7.019   1.00 12.03 ? 16 DG  B O6    1 
ATOM   318 N N1    . DG  B 2 4  ? 0.717   7.059   5.616   1.00 2.00  ? 16 DG  B N1    1 
ATOM   319 C C2    . DG  B 2 4  ? 0.553   8.055   4.706   1.00 8.37  ? 16 DG  B C2    1 
ATOM   320 N N2    . DG  B 2 4  ? 1.693   8.630   4.303   1.00 11.33 ? 16 DG  B N2    1 
ATOM   321 N N3    . DG  B 2 4  ? -0.631  8.460   4.236   1.00 6.22  ? 16 DG  B N3    1 
ATOM   322 C C4    . DG  B 2 4  ? -1.647  7.771   4.789   1.00 7.38  ? 16 DG  B C4    1 
ATOM   323 P P     . DC  B 2 5  ? -5.452  10.663  0.100   1.00 49.24 ? 17 DC  B P     1 
ATOM   324 O OP1   . DC  B 2 5  ? -6.244  11.890  0.373   1.00 50.64 ? 17 DC  B OP1   1 
ATOM   325 O OP2   . DC  B 2 5  ? -6.122  9.477   -0.509  1.00 47.99 ? 17 DC  B OP2   1 
ATOM   326 O "O5'" . DC  B 2 5  ? -4.179  11.049  -0.782  1.00 43.41 ? 17 DC  B "O5'" 1 
ATOM   327 C "C5'" . DC  B 2 5  ? -3.424  10.039  -1.486  1.00 38.89 ? 17 DC  B "C5'" 1 
ATOM   328 C "C4'" . DC  B 2 5  ? -2.145  9.703   -0.750  1.00 31.34 ? 17 DC  B "C4'" 1 
ATOM   329 O "O4'" . DC  B 2 5  ? -2.420  8.779   0.319   1.00 28.47 ? 17 DC  B "O4'" 1 
ATOM   330 C "C3'" . DC  B 2 5  ? -1.144  8.945   -1.617  1.00 30.07 ? 17 DC  B "C3'" 1 
ATOM   331 O "O3'" . DC  B 2 5  ? -0.334  9.862   -2.336  1.00 25.10 ? 17 DC  B "O3'" 1 
ATOM   332 C "C2'" . DC  B 2 5  ? -0.308  8.150   -0.629  1.00 22.60 ? 17 DC  B "C2'" 1 
ATOM   333 C "C1'" . DC  B 2 5  ? -1.201  8.085   0.599   1.00 27.08 ? 17 DC  B "C1'" 1 
ATOM   334 N N1    . DC  B 2 5  ? -1.508  6.797   1.234   1.00 23.65 ? 17 DC  B N1    1 
ATOM   335 C C2    . DC  B 2 5  ? -0.464  6.095   1.883   1.00 27.00 ? 17 DC  B C2    1 
ATOM   336 O O2    . DC  B 2 5  ? 0.714   6.502   1.765   1.00 21.79 ? 17 DC  B O2    1 
ATOM   337 N N3    . DC  B 2 5  ? -0.765  4.991   2.611   1.00 23.32 ? 17 DC  B N3    1 
ATOM   338 C C4    . DC  B 2 5  ? -2.029  4.561   2.672   1.00 23.78 ? 17 DC  B C4    1 
ATOM   339 N N4    . DC  B 2 5  ? -2.288  3.489   3.429   1.00 27.24 ? 17 DC  B N4    1 
ATOM   340 C C5    . DC  B 2 5  ? -3.089  5.215   1.963   1.00 21.22 ? 17 DC  B C5    1 
ATOM   341 C C6    . DC  B 2 5  ? -2.785  6.312   1.261   1.00 18.23 ? 17 DC  B C6    1 
HETATM 342 N N1    . 5CM B 2 6  ? 0.827   4.128   -1.540  1.00 12.36 ? 18 5CM B N1    1 
HETATM 343 C C2    . 5CM B 2 6  ? 1.127   3.339   -0.447  1.00 9.41  ? 18 5CM B C2    1 
HETATM 344 N N3    . 5CM B 2 6  ? 0.137   2.769   0.266   1.00 7.96  ? 18 5CM B N3    1 
HETATM 345 C C4    . 5CM B 2 6  ? -1.140  2.949   -0.088  1.00 15.15 ? 18 5CM B C4    1 
HETATM 346 C C5    . 5CM B 2 6  ? -1.459  3.742   -1.233  1.00 12.61 ? 18 5CM B C5    1 
HETATM 347 C C5A   . 5CM B 2 6  ? -2.886  3.897   -1.644  1.00 9.86  ? 18 5CM B C5A   1 
HETATM 348 C C6    . 5CM B 2 6  ? -0.470  4.316   -1.920  1.00 13.69 ? 18 5CM B C6    1 
HETATM 349 O O2    . 5CM B 2 6  ? 2.313   3.173   -0.151  1.00 14.19 ? 18 5CM B O2    1 
HETATM 350 N N4    . 5CM B 2 6  ? -2.107  2.373   0.625   1.00 17.94 ? 18 5CM B N4    1 
HETATM 351 C "C1'" . 5CM B 2 6  ? 1.943   4.756   -2.264  1.00 18.50 ? 18 5CM B "C1'" 1 
HETATM 352 C "C2'" . 5CM B 2 6  ? 1.751   5.060   -3.735  1.00 21.71 ? 18 5CM B "C2'" 1 
HETATM 353 C "C3'" . 5CM B 2 6  ? 2.868   6.065   -3.953  1.00 20.70 ? 18 5CM B "C3'" 1 
HETATM 354 C "C4'" . 5CM B 2 6  ? 2.893   6.843   -2.644  1.00 22.90 ? 18 5CM B "C4'" 1 
HETATM 355 O "O4'" . 5CM B 2 6  ? 2.228   6.005   -1.667  1.00 27.78 ? 18 5CM B "O4'" 1 
HETATM 356 O "O3'" . 5CM B 2 6  ? 4.068   5.321   -4.015  1.00 22.21 ? 18 5CM B "O3'" 1 
HETATM 357 C "C5'" . 5CM B 2 6  ? 2.255   8.207   -2.736  1.00 26.17 ? 18 5CM B "C5'" 1 
HETATM 358 O "O5'" . 5CM B 2 6  ? 1.023   8.125   -3.451  1.00 31.00 ? 18 5CM B "O5'" 1 
HETATM 359 P P     . 5CM B 2 6  ? 0.194   9.440   -3.780  1.00 34.35 ? 18 5CM B P     1 
HETATM 360 O OP1   . 5CM B 2 6  ? 1.140   10.464  -4.310  1.00 39.80 ? 18 5CM B OP1   1 
HETATM 361 O OP2   . 5CM B 2 6  ? -1.001  9.056   -4.587  1.00 33.77 ? 18 5CM B OP2   1 
ATOM   362 P P     . DG  B 2 7  ? 4.941   5.358   -5.338  1.00 32.24 ? 19 DG  B P     1 
ATOM   363 O OP1   . DG  B 2 7  ? 5.771   6.575   -5.187  1.00 38.45 ? 19 DG  B OP1   1 
ATOM   364 O OP2   . DG  B 2 7  ? 4.051   5.206   -6.525  1.00 36.67 ? 19 DG  B OP2   1 
ATOM   365 O "O5'" . DG  B 2 7  ? 5.869   4.073   -5.209  1.00 26.04 ? 19 DG  B "O5'" 1 
ATOM   366 C "C5'" . DG  B 2 7  ? 6.805   3.952   -4.125  1.00 19.63 ? 19 DG  B "C5'" 1 
ATOM   367 C "C4'" . DG  B 2 7  ? 6.789   2.539   -3.596  1.00 20.15 ? 19 DG  B "C4'" 1 
ATOM   368 O "O4'" . DG  B 2 7  ? 5.540   2.261   -2.947  1.00 22.29 ? 19 DG  B "O4'" 1 
ATOM   369 C "C3'" . DG  B 2 7  ? 6.929   1.477   -4.675  1.00 14.77 ? 19 DG  B "C3'" 1 
ATOM   370 O "O3'" . DG  B 2 7  ? 8.318   1.211   -4.762  1.00 20.49 ? 19 DG  B "O3'" 1 
ATOM   371 C "C2'" . DG  B 2 7  ? 6.177   0.286   -4.114  1.00 10.94 ? 19 DG  B "C2'" 1 
ATOM   372 C "C1'" . DG  B 2 7  ? 5.228   0.885   -3.081  1.00 15.45 ? 19 DG  B "C1'" 1 
ATOM   373 N N9    . DG  B 2 7  ? 3.779   0.779   -3.213  1.00 11.41 ? 19 DG  B N9    1 
ATOM   374 C C8    . DG  B 2 7  ? 2.970   1.430   -4.104  1.00 15.28 ? 19 DG  B C8    1 
ATOM   375 N N7    . DG  B 2 7  ? 1.699   1.271   -3.845  1.00 16.27 ? 19 DG  B N7    1 
ATOM   376 C C5    . DG  B 2 7  ? 1.675   0.432   -2.750  1.00 6.22  ? 19 DG  B C5    1 
ATOM   377 C C6    . DG  B 2 7  ? 0.595   -0.055  -2.017  1.00 12.54 ? 19 DG  B C6    1 
ATOM   378 O O6    . DG  B 2 7  ? -0.595  0.199   -2.162  1.00 20.99 ? 19 DG  B O6    1 
ATOM   379 N N1    . DG  B 2 7  ? 1.001   -0.902  -0.997  1.00 13.11 ? 19 DG  B N1    1 
ATOM   380 C C2    . DG  B 2 7  ? 2.301   -1.207  -0.704  1.00 17.87 ? 19 DG  B C2    1 
ATOM   381 N N2    . DG  B 2 7  ? 2.499   -2.038  0.310   1.00 20.75 ? 19 DG  B N2    1 
ATOM   382 N N3    . DG  B 2 7  ? 3.334   -0.724  -1.365  1.00 18.65 ? 19 DG  B N3    1 
ATOM   383 C C4    . DG  B 2 7  ? 2.946   0.082   -2.374  1.00 12.12 ? 19 DG  B C4    1 
ATOM   384 P P     . DG  B 2 8  ? 8.851   0.162   -5.824  1.00 36.40 ? 20 DG  B P     1 
ATOM   385 O OP1   . DG  B 2 8  ? 10.325  0.023   -5.662  1.00 35.99 ? 20 DG  B OP1   1 
ATOM   386 O OP2   . DG  B 2 8  ? 8.288   0.561   -7.140  1.00 41.98 ? 20 DG  B OP2   1 
ATOM   387 O "O5'" . DG  B 2 8  ? 8.183   -1.207  -5.370  1.00 32.41 ? 20 DG  B "O5'" 1 
ATOM   388 C "C5'" . DG  B 2 8  ? 8.632   -1.900  -4.195  1.00 25.17 ? 20 DG  B "C5'" 1 
ATOM   389 C "C4'" . DG  B 2 8  ? 7.746   -3.099  -3.947  1.00 27.82 ? 20 DG  B "C4'" 1 
ATOM   390 O "O4'" . DG  B 2 8  ? 6.384   -2.666  -3.880  1.00 30.22 ? 20 DG  B "O4'" 1 
ATOM   391 C "C3'" . DG  B 2 8  ? 7.761   -4.152  -5.045  1.00 27.34 ? 20 DG  B "C3'" 1 
ATOM   392 O "O3'" . DG  B 2 8  ? 8.807   -5.056  -4.669  1.00 27.36 ? 20 DG  B "O3'" 1 
ATOM   393 C "C2'" . DG  B 2 8  ? 6.360   -4.755  -4.992  1.00 24.07 ? 20 DG  B "C2'" 1 
ATOM   394 C "C1'" . DG  B 2 8  ? 5.556   -3.780  -4.113  1.00 25.32 ? 20 DG  B "C1'" 1 
ATOM   395 N N9    . DG  B 2 8  ? 4.244   -3.265  -4.499  1.00 18.87 ? 20 DG  B N9    1 
ATOM   396 C C8    . DG  B 2 8  ? 3.997   -2.280  -5.418  1.00 23.71 ? 20 DG  B C8    1 
ATOM   397 N N7    . DG  B 2 8  ? 2.744   -1.909  -5.451  1.00 22.80 ? 20 DG  B N7    1 
ATOM   398 C C5    . DG  B 2 8  ? 2.118   -2.723  -4.525  1.00 12.59 ? 20 DG  B C5    1 
ATOM   399 C C6    . DG  B 2 8  ? 0.765   -2.768  -4.133  1.00 16.93 ? 20 DG  B C6    1 
ATOM   400 O O6    . DG  B 2 8  ? -0.178  -2.089  -4.563  1.00 17.97 ? 20 DG  B O6    1 
ATOM   401 N N1    . DG  B 2 8  ? 0.546   -3.730  -3.148  1.00 13.78 ? 20 DG  B N1    1 
ATOM   402 C C2    . DG  B 2 8  ? 1.509   -4.558  -2.637  1.00 17.73 ? 20 DG  B C2    1 
ATOM   403 N N2    . DG  B 2 8  ? 1.091   -5.421  -1.704  1.00 18.24 ? 20 DG  B N2    1 
ATOM   404 N N3    . DG  B 2 8  ? 2.787   -4.541  -3.013  1.00 13.95 ? 20 DG  B N3    1 
ATOM   405 C C4    . DG  B 2 8  ? 3.018   -3.595  -3.948  1.00 13.54 ? 20 DG  B C4    1 
ATOM   406 P P     . DC  B 2 9  ? 8.926   -6.493  -5.354  1.00 33.37 ? 21 DC  B P     1 
ATOM   407 O OP1   . DC  B 2 9  ? 9.879   -7.257  -4.534  1.00 45.16 ? 21 DC  B OP1   1 
ATOM   408 O OP2   . DC  B 2 9  ? 9.181   -6.357  -6.803  1.00 38.99 ? 21 DC  B OP2   1 
ATOM   409 O "O5'" . DC  B 2 9  ? 7.503   -7.133  -5.071  1.00 33.30 ? 21 DC  B "O5'" 1 
ATOM   410 C "C5'" . DC  B 2 9  ? 7.162   -7.507  -3.736  1.00 34.53 ? 21 DC  B "C5'" 1 
ATOM   411 C "C4'" . DC  B 2 9  ? 5.865   -8.274  -3.721  1.00 42.85 ? 21 DC  B "C4'" 1 
ATOM   412 O "O4'" . DC  B 2 9  ? 4.760   -7.405  -4.082  1.00 43.77 ? 21 DC  B "O4'" 1 
ATOM   413 C "C3'" . DC  B 2 9  ? 5.802   -9.470  -4.674  1.00 43.80 ? 21 DC  B "C3'" 1 
ATOM   414 O "O3'" . DC  B 2 9  ? 4.992   -10.474 -4.043  1.00 49.05 ? 21 DC  B "O3'" 1 
ATOM   415 C "C2'" . DC  B 2 9  ? 5.007   -8.914  -5.845  1.00 41.59 ? 21 DC  B "C2'" 1 
ATOM   416 C "C1'" . DC  B 2 9  ? 4.024   -8.012  -5.123  1.00 34.23 ? 21 DC  B "C1'" 1 
ATOM   417 N N1    . DC  B 2 9  ? 3.366   -6.954  -5.896  1.00 29.47 ? 21 DC  B N1    1 
ATOM   418 C C2    . DC  B 2 9  ? 1.988   -6.711  -5.654  1.00 28.47 ? 21 DC  B C2    1 
ATOM   419 O O2    . DC  B 2 9  ? 1.397   -7.413  -4.816  1.00 31.64 ? 21 DC  B O2    1 
ATOM   420 N N3    . DC  B 2 9  ? 1.354   -5.729  -6.337  1.00 16.07 ? 21 DC  B N3    1 
ATOM   421 C C4    . DC  B 2 9  ? 2.030   -5.005  -7.234  1.00 19.68 ? 21 DC  B C4    1 
ATOM   422 N N4    . DC  B 2 9  ? 1.370   -4.055  -7.879  1.00 7.88  ? 21 DC  B N4    1 
ATOM   423 C C5    . DC  B 2 9  ? 3.428   -5.232  -7.508  1.00 22.75 ? 21 DC  B C5    1 
ATOM   424 C C6    . DC  B 2 9  ? 4.049   -6.210  -6.820  1.00 23.31 ? 21 DC  B C6    1 
ATOM   425 P P     . DG  B 2 10 ? 5.541   -11.975 -3.864  1.00 54.00 ? 22 DG  B P     1 
ATOM   426 O OP1   . DG  B 2 10 ? 5.860   -12.152 -2.422  1.00 53.76 ? 22 DG  B OP1   1 
ATOM   427 O OP2   . DG  B 2 10 ? 6.590   -12.260 -4.900  1.00 52.96 ? 22 DG  B OP2   1 
ATOM   428 O "O5'" . DG  B 2 10 ? 4.235   -12.845 -4.144  1.00 49.14 ? 22 DG  B "O5'" 1 
ATOM   429 C "C5'" . DG  B 2 10 ? 3.089   -12.729 -3.283  1.00 48.61 ? 22 DG  B "C5'" 1 
ATOM   430 C "C4'" . DG  B 2 10 ? 1.803   -12.951 -4.052  1.00 52.05 ? 22 DG  B "C4'" 1 
ATOM   431 O "O4'" . DG  B 2 10 ? 1.232   -11.738 -4.602  1.00 54.11 ? 22 DG  B "O4'" 1 
ATOM   432 C "C3'" . DG  B 2 10 ? 1.840   -13.960 -5.203  1.00 51.29 ? 22 DG  B "C3'" 1 
ATOM   433 O "O3'" . DG  B 2 10 ? 0.622   -14.698 -5.136  1.00 54.14 ? 22 DG  B "O3'" 1 
ATOM   434 C "C2'" . DG  B 2 10 ? 1.689   -13.079 -6.437  1.00 46.73 ? 22 DG  B "C2'" 1 
ATOM   435 C "C1'" . DG  B 2 10 ? 0.697   -12.090 -5.867  1.00 44.51 ? 22 DG  B "C1'" 1 
ATOM   436 N N9    . DG  B 2 10 ? 0.332   -10.878 -6.598  1.00 37.05 ? 22 DG  B N9    1 
ATOM   437 C C8    . DG  B 2 10 ? -0.902  -10.266 -6.576  1.00 37.57 ? 22 DG  B C8    1 
ATOM   438 N N7    . DG  B 2 10 ? -0.964  -9.201  -7.328  1.00 31.05 ? 22 DG  B N7    1 
ATOM   439 C C5    . DG  B 2 10 ? 0.304   -9.106  -7.874  1.00 30.19 ? 22 DG  B C5    1 
ATOM   440 C C6    . DG  B 2 10 ? 0.822   -8.167  -8.767  1.00 34.34 ? 22 DG  B C6    1 
ATOM   441 O O6    . DG  B 2 10 ? 0.248   -7.191  -9.270  1.00 35.04 ? 22 DG  B O6    1 
ATOM   442 N N1    . DG  B 2 10 ? 2.152   -8.440  -9.081  1.00 35.27 ? 22 DG  B N1    1 
ATOM   443 C C2    . DG  B 2 10 ? 2.878   -9.492  -8.589  1.00 35.41 ? 22 DG  B C2    1 
ATOM   444 N N2    . DG  B 2 10 ? 4.154   -9.587  -9.015  1.00 35.92 ? 22 DG  B N2    1 
ATOM   445 N N3    . DG  B 2 10 ? 2.395   -10.385 -7.744  1.00 31.30 ? 22 DG  B N3    1 
ATOM   446 C C4    . DG  B 2 10 ? 1.114   -10.133 -7.433  1.00 28.47 ? 22 DG  B C4    1 
ATOM   447 P P     . DG  B 2 11 ? 0.611   -16.200 -4.579  1.00 54.95 ? 23 DG  B P     1 
ATOM   448 O OP1   . DG  B 2 11 ? 0.700   -16.111 -3.092  1.00 54.28 ? 23 DG  B OP1   1 
ATOM   449 O OP2   . DG  B 2 11 ? 1.610   -17.016 -5.336  1.00 53.06 ? 23 DG  B OP2   1 
ATOM   450 O "O5'" . DG  B 2 11 ? -0.860  -16.676 -4.967  1.00 48.46 ? 23 DG  B "O5'" 1 
ATOM   451 C "C5'" . DG  B 2 11 ? -1.996  -15.958 -4.480  1.00 43.38 ? 23 DG  B "C5'" 1 
ATOM   452 C "C4'" . DG  B 2 11 ? -2.786  -15.364 -5.624  1.00 46.19 ? 23 DG  B "C4'" 1 
ATOM   453 O "O4'" . DG  B 2 11 ? -2.044  -14.356 -6.336  1.00 45.97 ? 23 DG  B "O4'" 1 
ATOM   454 C "C3'" . DG  B 2 11 ? -3.278  -16.315 -6.710  1.00 48.20 ? 23 DG  B "C3'" 1 
ATOM   455 O "O3'" . DG  B 2 11 ? -4.512  -16.904 -6.252  1.00 50.07 ? 23 DG  B "O3'" 1 
ATOM   456 C "C2'" . DG  B 2 11 ? -3.472  -15.392 -7.914  1.00 46.35 ? 23 DG  B "C2'" 1 
ATOM   457 C "C1'" . DG  B 2 11 ? -2.797  -14.074 -7.512  1.00 41.67 ? 23 DG  B "C1'" 1 
ATOM   458 N N9    . DG  B 2 11 ? -1.911  -13.423 -8.476  1.00 33.84 ? 23 DG  B N9    1 
ATOM   459 C C8    . DG  B 2 11 ? -0.590  -13.725 -8.704  1.00 31.40 ? 23 DG  B C8    1 
ATOM   460 N N7    . DG  B 2 11 ? -0.016  -12.909 -9.547  1.00 32.56 ? 23 DG  B N7    1 
ATOM   461 C C5    . DG  B 2 11 ? -1.021  -12.022 -9.914  1.00 27.82 ? 23 DG  B C5    1 
ATOM   462 C C6    . DG  B 2 11 ? -0.979  -10.888 -10.788 1.00 27.69 ? 23 DG  B C6    1 
ATOM   463 O O6    . DG  B 2 11 ? -0.006  -10.406 -11.387 1.00 27.39 ? 23 DG  B O6    1 
ATOM   464 N N1    . DG  B 2 11 ? -2.226  -10.291 -10.913 1.00 19.99 ? 23 DG  B N1    1 
ATOM   465 C C2    . DG  B 2 11 ? -3.364  -10.708 -10.273 1.00 27.79 ? 23 DG  B C2    1 
ATOM   466 N N2    . DG  B 2 11 ? -4.476  -10.004 -10.572 1.00 23.40 ? 23 DG  B N2    1 
ATOM   467 N N3    . DG  B 2 11 ? -3.411  -11.739 -9.416  1.00 24.63 ? 23 DG  B N3    1 
ATOM   468 C C4    . DG  B 2 11 ? -2.209  -12.346 -9.292  1.00 26.89 ? 23 DG  B C4    1 
ATOM   469 P P     . DT  B 2 12 ? -5.556  -17.544 -7.299  1.00 55.24 ? 24 DT  B P     1 
ATOM   470 O OP1   . DT  B 2 12 ? -6.838  -17.702 -6.567  1.00 54.92 ? 24 DT  B OP1   1 
ATOM   471 O OP2   . DT  B 2 12 ? -4.935  -18.719 -7.956  1.00 56.18 ? 24 DT  B OP2   1 
ATOM   472 O "O5'" . DT  B 2 12 ? -5.797  -16.416 -8.400  1.00 58.16 ? 24 DT  B "O5'" 1 
ATOM   473 C "C5'" . DT  B 2 12 ? -6.254  -16.764 -9.730  1.00 54.87 ? 24 DT  B "C5'" 1 
ATOM   474 C "C4'" . DT  B 2 12 ? -7.015  -15.613 -10.346 1.00 50.93 ? 24 DT  B "C4'" 1 
ATOM   475 O "O4'" . DT  B 2 12 ? -6.093  -14.518 -10.561 1.00 44.06 ? 24 DT  B "O4'" 1 
ATOM   476 C "C3'" . DT  B 2 12 ? -7.603  -15.936 -11.719 1.00 51.31 ? 24 DT  B "C3'" 1 
ATOM   477 O "O3'" . DT  B 2 12 ? -8.692  -15.046 -12.026 1.00 52.81 ? 24 DT  B "O3'" 1 
ATOM   478 C "C2'" . DT  B 2 12 ? -6.519  -15.458 -12.672 1.00 47.36 ? 24 DT  B "C2'" 1 
ATOM   479 C "C1'" . DT  B 2 12 ? -5.923  -14.264 -11.947 1.00 40.30 ? 24 DT  B "C1'" 1 
ATOM   480 N N1    . DT  B 2 12 ? -4.480  -14.099 -12.195 1.00 36.12 ? 24 DT  B N1    1 
ATOM   481 C C2    . DT  B 2 12 ? -4.040  -12.991 -12.903 1.00 34.23 ? 24 DT  B C2    1 
ATOM   482 O O2    . DT  B 2 12 ? -4.785  -12.141 -13.371 1.00 32.55 ? 24 DT  B O2    1 
ATOM   483 N N3    . DT  B 2 12 ? -2.680  -12.920 -13.053 1.00 28.20 ? 24 DT  B N3    1 
ATOM   484 C C4    . DT  B 2 12 ? -1.744  -13.825 -12.600 1.00 31.87 ? 24 DT  B C4    1 
ATOM   485 O O4    . DT  B 2 12 ? -0.554  -13.632 -12.810 1.00 36.08 ? 24 DT  B O4    1 
ATOM   486 C C5    . DT  B 2 12 ? -2.269  -14.960 -11.896 1.00 33.23 ? 24 DT  B C5    1 
ATOM   487 C C7    . DT  B 2 12 ? -1.311  -15.998 -11.406 1.00 37.25 ? 24 DT  B C7    1 
ATOM   488 C C6    . DT  B 2 12 ? -3.593  -15.040 -11.718 1.00 32.69 ? 24 DT  B C6    1 
HETATM 489 O O     . HOH C 3 .  ? 0.362   -11.584 1.027   1.00 28.11 ? 25 HOH A O     1 
HETATM 490 O O     . HOH C 3 .  ? -3.425  0.644   4.287   1.00 40.64 ? 27 HOH A O     1 
HETATM 491 O O     . HOH C 3 .  ? -0.148  -0.876  10.677  1.00 43.16 ? 28 HOH A O     1 
HETATM 492 O O     . HOH C 3 .  ? 11.005  -2.406  7.933   0.89 40.28 ? 30 HOH A O     1 
HETATM 493 O O     . HOH C 3 .  ? -4.508  0.102   -12.165 1.00 52.02 ? 32 HOH A O     1 
HETATM 494 O O     . HOH C 3 .  ? 0.553   1.673   11.709  0.97 46.91 ? 33 HOH A O     1 
HETATM 495 O O     . HOH C 3 .  ? -1.100  12.625  7.544   1.00 46.09 ? 34 HOH A O     1 
HETATM 496 O O     . HOH C 3 .  ? -2.729  -1.986  6.932   0.86 23.90 ? 35 HOH A O     1 
HETATM 497 O O     . HOH C 3 .  ? -5.707  -0.659  -7.303  0.95 30.16 ? 37 HOH A O     1 
HETATM 498 O O     . HOH C 3 .  ? -1.081  -1.548  -19.381 0.89 41.41 ? 38 HOH A O     1 
HETATM 499 O O     . HOH C 3 .  ? 4.033   -6.244  1.489   1.00 38.35 ? 41 HOH A O     1 
HETATM 500 O O     . HOH C 3 .  ? 6.322   1.543   1.660   1.00 60.55 ? 45 HOH A O     1 
HETATM 501 O O     . HOH C 3 .  ? -3.496  -10.041 -3.794  0.92 61.03 ? 46 HOH A O     1 
HETATM 502 O O     . HOH C 3 .  ? -3.644  13.606  13.741  0.79 48.41 ? 47 HOH A O     1 
HETATM 503 O O     . HOH C 3 .  ? 1.693   -2.072  -19.950 1.00 27.05 ? 48 HOH A O     1 
HETATM 504 O O     . HOH C 3 .  ? -6.335  2.263   -13.834 1.00 61.13 ? 49 HOH A O     1 
HETATM 505 O O     . HOH C 3 .  ? -6.109  -2.005  7.223   1.00 25.09 ? 50 HOH A O     1 
HETATM 506 O O     . HOH C 3 .  ? -10.134 -6.089  -16.198 0.73 34.46 ? 52 HOH A O     1 
HETATM 507 O O     . HOH C 3 .  ? 5.009   7.706   2.199   0.88 49.53 ? 53 HOH A O     1 
HETATM 508 O O     . HOH C 3 .  ? 10.803  8.890   3.717   0.99 30.76 ? 54 HOH A O     1 
HETATM 509 O O     . HOH C 3 .  ? -2.252  -9.544  -0.257  1.00 55.20 ? 59 HOH A O     1 
HETATM 510 O O     . HOH C 3 .  ? -6.849  -8.882  -12.744 0.84 42.07 ? 60 HOH A O     1 
HETATM 511 O O     . HOH C 3 .  ? 4.151   10.021  4.192   0.87 37.81 ? 63 HOH A O     1 
HETATM 512 O O     . HOH D 3 .  ? 7.269   2.922   -6.907  1.00 35.34 ? 26 HOH B O     1 
HETATM 513 O O     . HOH D 3 .  ? 12.464  -5.007  -6.656  1.00 35.73 ? 29 HOH B O     1 
HETATM 514 O O     . HOH D 3 .  ? 5.821   -8.133  -10.869 1.00 38.08 ? 31 HOH B O     1 
HETATM 515 O O     . HOH D 3 .  ? 7.502   -16.785 6.410   0.84 32.02 ? 36 HOH B O     1 
HETATM 516 O O     . HOH D 3 .  ? 7.087   -5.670  -9.192  0.98 39.66 ? 39 HOH B O     1 
HETATM 517 O O     . HOH D 3 .  ? 9.667   -4.595  -9.677  0.99 28.53 ? 40 HOH B O     1 
HETATM 518 O O     . HOH D 3 .  ? -2.638  -18.788 -7.458  1.00 46.17 ? 42 HOH B O     1 
HETATM 519 O O     . HOH D 3 .  ? -6.811  6.076   0.953   0.90 7.38  ? 43 HOH B O     1 
HETATM 520 O O     . HOH D 3 .  ? 9.960   -19.507 10.913  1.00 36.43 ? 44 HOH B O     1 
HETATM 521 O O     . HOH D 3 .  ? -9.392  -10.464 -7.812  0.94 53.88 ? 51 HOH B O     1 
HETATM 522 O O     . HOH D 3 .  ? 3.608   -15.912 -4.134  0.84 53.77 ? 55 HOH B O     1 
HETATM 523 O O     . HOH D 3 .  ? -6.659  -11.419 -4.422  1.00 80.50 ? 56 HOH B O     1 
HETATM 524 O O     . HOH D 3 .  ? -11.792 -12.574 -7.845  0.65 50.76 ? 57 HOH B O     1 
HETATM 525 O O     . HOH D 3 .  ? 8.089   -0.684  0.312   1.00 30.24 ? 58 HOH B O     1 
HETATM 526 O O     . HOH D 3 .  ? 0.858   -11.803 3.933   0.76 44.06 ? 61 HOH B O     1 
HETATM 527 O O     . HOH D 3 .  ? -6.358  -11.204 -7.825  0.82 41.69 ? 62 HOH B O     1 
HETATM 528 O O     . HOH D 3 .  ? 5.302   -8.922  2.543   0.88 39.32 ? 64 HOH B O     1 
HETATM 529 O O     . HOH D 3 .  ? 2.940   -13.162 1.024   0.45 8.13  ? 65 HOH B O     1 
# 
